data_5YDH
#
_entry.id   5YDH
#
_cell.length_a   148.659
_cell.length_b   148.659
_cell.length_c   226.021
_cell.angle_alpha   90.00
_cell.angle_beta   90.00
_cell.angle_gamma   120.00
#
_symmetry.space_group_name_H-M   'P 61'
#
loop_
_entity.id
_entity.type
_entity.pdbx_description
1 polymer Acetylcholinesterase
2 branched alpha-D-mannopyranose-(1-3)-beta-D-mannopyranose-(1-4)-2-acetamido-2-deoxy-beta-D-glucopyranose-(1-4)-2-acetamido-2-deoxy-beta-D-glucopyranose
3 branched alpha-D-mannopyranose-(1-3)-[alpha-D-mannopyranose-(1-6)]beta-D-mannopyranose-(1-4)-2-acetamido-2-deoxy-beta-D-glucopyranose-(1-4)-2-acetamido-2-deoxy-beta-D-glucopyranose
4 non-polymer 'SULFATE ION'
5 non-polymer 2-acetamido-2-deoxy-beta-D-glucopyranose
6 non-polymer '4-(2-HYDROXYETHYL)-1-PIPERAZINE ETHANESULFONIC ACID'
7 non-polymer GLYCEROL
8 non-polymer 'COBALT (II) ION'
9 water water
#
_entity_poly.entity_id   1
_entity_poly.type   'polypeptide(L)'
_entity_poly.pdbx_seq_one_letter_code
;DNDPLVVNTDKGRIRGITVDAPSGKKVDVWLGIPYAQPPVGPLRFRHPRPAEKWTGVLNTTTPPNSCVQIVDTVFGDFPG
ATMWNPNTPLSEDCLYINVVAPRPRPKNAAVMLWIFGGGFYSGTATLDVYDHRALASEENVIVVSLQYRVASLGFLFLGT
PEAPGNAGLFDQNLALRWVRDNIHRFGGDPSRVTLFGESAGAVSVSLHLLSALSRDLFQRAILQSGSPTAPWALVSREEA
TLRALRLAEAVGCPHEPSKLSDAVECLRGKDPHVLVNNEWGTLGICEFPFVPVVDGAFLDETPQRSLASGRFKKTEILTG
SNTEEGYYFIIYYLTELLRKEEGVTVTREEFLQAVRELNPYVNGAARQAIVFEYTDWTEPDNPNSNRDALDKMVGDYHFT
CNVNEFAQRYAEEGNNVYMYLYTHRSKGNPWPRWTGVMHGDEINYVFGEPLNPTLGYTEDEKDFSRKIMRYWSNFAKTGN
PNPNTASSEFPEWPKHTAHGRHYLELGLNTSFVGRGPRLRQCAFWKKYLPQLVAATSNLPGPAPPSEPCESSAFFYRPDL
IVLLVSLLTATVRFIQ
;
_entity_poly.pdbx_strand_id   A,B
#
# COMPACT_ATOMS: atom_id res chain seq x y z
N ASP A 1 -13.78 -5.11 -30.87
CA ASP A 1 -14.69 -6.28 -30.95
C ASP A 1 -16.10 -5.92 -30.51
N ASN A 2 -17.10 -6.51 -31.16
CA ASN A 2 -18.51 -6.21 -30.89
C ASN A 2 -19.26 -7.29 -30.11
N ASP A 3 -18.53 -8.28 -29.61
CA ASP A 3 -19.10 -9.30 -28.72
C ASP A 3 -19.11 -8.77 -27.28
N PRO A 4 -20.30 -8.65 -26.67
CA PRO A 4 -20.42 -8.06 -25.33
C PRO A 4 -19.87 -8.95 -24.21
N LEU A 5 -19.87 -10.26 -24.43
CA LEU A 5 -19.39 -11.23 -23.43
C LEU A 5 -17.88 -11.17 -23.20
N VAL A 6 -17.15 -10.61 -24.15
CA VAL A 6 -15.71 -10.36 -23.97
C VAL A 6 -15.46 -8.94 -23.49
N VAL A 7 -14.50 -8.77 -22.59
CA VAL A 7 -14.15 -7.47 -22.03
C VAL A 7 -12.63 -7.33 -21.99
N ASN A 8 -12.15 -6.12 -22.24
CA ASN A 8 -10.71 -5.85 -22.26
C ASN A 8 -10.22 -5.22 -20.95
N THR A 9 -9.84 -6.08 -20.00
CA THR A 9 -9.24 -5.62 -18.74
C THR A 9 -7.84 -5.04 -18.95
N ASP A 10 -7.40 -4.20 -18.02
CA ASP A 10 -6.11 -3.52 -18.11
C ASP A 10 -4.92 -4.49 -18.22
N LYS A 11 -5.16 -5.79 -18.02
CA LYS A 11 -4.11 -6.80 -18.12
C LYS A 11 -4.35 -7.82 -19.23
N GLY A 12 -5.49 -7.72 -19.92
CA GLY A 12 -5.78 -8.61 -21.05
C GLY A 12 -7.24 -8.64 -21.45
N ARG A 13 -7.63 -9.73 -22.10
CA ARG A 13 -9.01 -9.92 -22.52
C ARG A 13 -9.62 -11.16 -21.89
N ILE A 14 -10.87 -11.03 -21.44
CA ILE A 14 -11.58 -12.13 -20.80
C ILE A 14 -12.94 -12.37 -21.45
N ARG A 15 -13.39 -13.63 -21.45
CA ARG A 15 -14.69 -13.99 -21.97
C ARG A 15 -15.60 -14.54 -20.87
N GLY A 16 -16.78 -13.94 -20.75
CA GLY A 16 -17.80 -14.41 -19.81
C GLY A 16 -18.80 -15.32 -20.48
N ILE A 17 -19.99 -15.40 -19.88
CA ILE A 17 -21.06 -16.27 -20.35
C ILE A 17 -22.40 -15.79 -19.77
N THR A 18 -23.47 -15.95 -20.55
CA THR A 18 -24.81 -15.59 -20.10
C THR A 18 -25.46 -16.78 -19.41
N VAL A 19 -25.85 -16.58 -18.16
CA VAL A 19 -26.52 -17.61 -17.37
C VAL A 19 -27.83 -17.07 -16.83
N ASP A 20 -28.86 -17.91 -16.80
CA ASP A 20 -30.15 -17.55 -16.23
C ASP A 20 -30.17 -17.76 -14.72
N ALA A 21 -30.68 -16.75 -14.00
CA ALA A 21 -30.84 -16.80 -12.56
C ALA A 21 -32.01 -17.72 -12.19
N PRO A 22 -32.04 -18.22 -10.94
CA PRO A 22 -33.17 -19.02 -10.46
C PRO A 22 -34.52 -18.29 -10.56
N SER A 23 -34.47 -16.97 -10.75
CA SER A 23 -35.67 -16.16 -10.94
C SER A 23 -36.20 -16.25 -12.39
N GLY A 24 -35.44 -16.88 -13.27
CA GLY A 24 -35.80 -16.97 -14.69
C GLY A 24 -35.12 -15.90 -15.52
N LYS A 25 -34.90 -14.74 -14.90
CA LYS A 25 -34.21 -13.60 -15.52
C LYS A 25 -32.75 -13.96 -15.77
N LYS A 26 -32.15 -13.35 -16.78
CA LYS A 26 -30.78 -13.68 -17.18
C LYS A 26 -29.77 -12.59 -16.84
N VAL A 27 -28.54 -13.01 -16.54
CA VAL A 27 -27.44 -12.10 -16.24
C VAL A 27 -26.15 -12.59 -16.90
N ASP A 28 -25.20 -11.68 -17.09
CA ASP A 28 -23.89 -12.01 -17.65
C ASP A 28 -22.86 -12.17 -16.53
N VAL A 29 -22.16 -13.28 -16.52
CA VAL A 29 -21.20 -13.59 -15.46
C VAL A 29 -19.77 -13.77 -15.98
N TRP A 30 -18.80 -13.27 -15.21
CA TRP A 30 -17.38 -13.49 -15.47
C TRP A 30 -16.80 -14.08 -14.19
N LEU A 31 -16.37 -15.33 -14.27
CA LEU A 31 -15.94 -16.05 -13.07
C LEU A 31 -14.48 -16.44 -13.12
N GLY A 32 -13.72 -15.97 -12.13
CA GLY A 32 -12.31 -16.32 -12.01
C GLY A 32 -11.39 -15.43 -12.82
N ILE A 33 -11.61 -14.12 -12.73
CA ILE A 33 -10.72 -13.14 -13.34
C ILE A 33 -9.52 -12.97 -12.41
N PRO A 34 -8.32 -13.34 -12.88
CA PRO A 34 -7.14 -13.27 -12.00
C PRO A 34 -6.76 -11.82 -11.71
N TYR A 35 -6.62 -11.49 -10.43
CA TYR A 35 -6.27 -10.13 -10.04
C TYR A 35 -4.85 -10.02 -9.46
N ALA A 36 -4.18 -11.15 -9.35
CA ALA A 36 -2.81 -11.19 -8.82
C ALA A 36 -2.02 -12.41 -9.29
N GLN A 37 -0.70 -12.33 -9.17
CA GLN A 37 0.18 -13.49 -9.34
C GLN A 37 -0.14 -14.51 -8.25
N PRO A 38 -0.36 -15.77 -8.65
CA PRO A 38 -0.54 -16.87 -7.68
C PRO A 38 0.54 -16.85 -6.60
N PRO A 39 0.14 -16.66 -5.33
CA PRO A 39 1.08 -16.41 -4.23
C PRO A 39 1.79 -17.67 -3.73
N VAL A 40 2.37 -18.42 -4.67
CA VAL A 40 3.01 -19.70 -4.37
C VAL A 40 4.53 -19.55 -4.24
N GLY A 41 5.17 -20.60 -3.70
CA GLY A 41 6.63 -20.66 -3.59
C GLY A 41 7.20 -19.65 -2.61
N PRO A 42 8.05 -18.74 -3.10
CA PRO A 42 8.65 -17.71 -2.25
C PRO A 42 7.67 -16.58 -1.91
N LEU A 43 6.55 -16.53 -2.64
CA LEU A 43 5.55 -15.48 -2.47
C LEU A 43 4.55 -15.74 -1.32
N ARG A 44 4.57 -16.96 -0.78
CA ARG A 44 3.70 -17.34 0.33
C ARG A 44 3.91 -16.44 1.55
N PHE A 45 2.81 -16.09 2.20
CA PHE A 45 2.75 -15.17 3.36
C PHE A 45 2.93 -13.70 2.99
N ARG A 46 3.62 -13.46 1.87
CA ARG A 46 3.91 -12.11 1.41
C ARG A 46 2.72 -11.49 0.69
N HIS A 47 2.72 -10.17 0.61
CA HIS A 47 1.66 -9.41 -0.05
C HIS A 47 1.45 -9.86 -1.50
N PRO A 48 0.24 -9.67 -2.05
CA PRO A 48 -0.01 -10.08 -3.42
C PRO A 48 0.74 -9.21 -4.42
N ARG A 49 1.01 -9.74 -5.60
CA ARG A 49 1.68 -8.99 -6.65
C ARG A 49 0.83 -8.97 -7.90
N PRO A 50 0.60 -7.76 -8.47
CA PRO A 50 -0.33 -7.58 -9.59
C PRO A 50 -0.14 -8.63 -10.67
N ALA A 51 -1.26 -9.13 -11.19
CA ALA A 51 -1.25 -10.18 -12.20
C ALA A 51 -0.44 -9.78 -13.42
N GLU A 52 0.28 -10.73 -14.00
CA GLU A 52 1.00 -10.50 -15.25
C GLU A 52 0.01 -10.47 -16.41
N LYS A 53 0.19 -9.53 -17.32
CA LYS A 53 -0.67 -9.39 -18.50
C LYS A 53 -0.60 -10.63 -19.39
N TRP A 54 -1.72 -10.96 -20.04
CA TRP A 54 -1.78 -12.19 -20.85
C TRP A 54 -2.10 -11.95 -22.32
N THR A 55 -1.47 -12.75 -23.17
CA THR A 55 -1.75 -12.79 -24.60
C THR A 55 -3.06 -13.54 -24.88
N GLY A 56 -3.72 -13.18 -25.97
CA GLY A 56 -4.96 -13.83 -26.40
C GLY A 56 -6.15 -13.50 -25.53
N VAL A 57 -7.18 -14.35 -25.61
CA VAL A 57 -8.41 -14.18 -24.84
C VAL A 57 -8.54 -15.27 -23.76
N LEU A 58 -8.98 -14.88 -22.58
CA LEU A 58 -9.12 -15.82 -21.45
C LEU A 58 -10.59 -16.13 -21.14
N ASN A 59 -10.90 -17.42 -21.01
CA ASN A 59 -12.24 -17.86 -20.67
C ASN A 59 -12.50 -17.79 -19.16
N THR A 60 -13.24 -16.77 -18.74
CA THR A 60 -13.64 -16.64 -17.33
C THR A 60 -15.06 -17.15 -17.15
N THR A 61 -15.23 -18.46 -17.34
CA THR A 61 -16.55 -19.10 -17.33
C THR A 61 -16.71 -20.13 -16.22
N THR A 62 -15.66 -20.29 -15.42
CA THR A 62 -15.62 -21.32 -14.37
C THR A 62 -15.37 -20.69 -13.00
N PRO A 63 -16.16 -21.11 -11.98
CA PRO A 63 -15.92 -20.69 -10.59
C PRO A 63 -14.51 -21.04 -10.15
N PRO A 64 -13.75 -20.05 -9.66
CA PRO A 64 -12.32 -20.20 -9.38
C PRO A 64 -12.05 -21.06 -8.15
N ASN A 65 -10.79 -21.50 -8.02
CA ASN A 65 -10.34 -22.24 -6.84
C ASN A 65 -10.55 -21.46 -5.55
N SER A 66 -10.85 -22.18 -4.47
CA SER A 66 -10.89 -21.57 -3.15
C SER A 66 -9.55 -21.76 -2.46
N CYS A 67 -9.21 -20.83 -1.57
CA CYS A 67 -7.91 -20.86 -0.87
C CYS A 67 -7.84 -22.01 0.11
N VAL A 68 -6.64 -22.57 0.28
CA VAL A 68 -6.40 -23.70 1.15
C VAL A 68 -6.90 -23.41 2.56
N GLN A 69 -7.80 -24.27 3.05
CA GLN A 69 -8.44 -24.09 4.35
C GLN A 69 -8.92 -25.41 4.94
N ILE A 70 -9.28 -25.38 6.23
CA ILE A 70 -9.89 -26.52 6.92
C ILE A 70 -11.28 -26.79 6.37
N VAL A 71 -11.66 -28.06 6.32
CA VAL A 71 -13.03 -28.44 5.99
C VAL A 71 -13.77 -28.91 7.23
N ASP A 72 -15.06 -28.56 7.32
CA ASP A 72 -15.87 -28.87 8.48
C ASP A 72 -16.51 -30.25 8.36
N THR A 73 -15.96 -31.22 9.07
CA THR A 73 -16.47 -32.59 9.05
C THR A 73 -17.15 -32.97 10.37
N VAL A 74 -17.17 -32.01 11.31
CA VAL A 74 -17.72 -32.22 12.66
C VAL A 74 -19.12 -32.86 12.64
N PHE A 75 -20.00 -32.34 11.80
CA PHE A 75 -21.36 -32.88 11.68
C PHE A 75 -21.57 -33.65 10.38
N GLY A 76 -20.45 -34.05 9.76
CA GLY A 76 -20.48 -34.83 8.53
C GLY A 76 -21.09 -34.08 7.37
N ASP A 77 -22.04 -34.73 6.70
CA ASP A 77 -22.70 -34.17 5.52
C ASP A 77 -24.02 -33.46 5.86
N PHE A 78 -24.05 -32.82 7.04
CA PHE A 78 -25.18 -32.01 7.48
C PHE A 78 -25.21 -30.70 6.68
N PRO A 79 -26.32 -30.45 5.93
CA PRO A 79 -26.46 -29.28 5.05
C PRO A 79 -26.09 -27.97 5.71
N GLY A 80 -26.54 -27.76 6.94
CA GLY A 80 -26.23 -26.55 7.70
C GLY A 80 -24.76 -26.34 7.99
N ALA A 81 -23.94 -27.37 7.75
CA ALA A 81 -22.50 -27.29 7.95
C ALA A 81 -21.74 -27.26 6.63
N THR A 82 -22.14 -28.13 5.70
CA THR A 82 -21.46 -28.28 4.41
C THR A 82 -21.62 -27.07 3.49
N MET A 83 -22.68 -26.28 3.73
CA MET A 83 -22.96 -25.09 2.93
C MET A 83 -21.87 -24.02 3.06
N TRP A 84 -21.10 -24.09 4.14
CA TRP A 84 -19.99 -23.16 4.37
C TRP A 84 -18.64 -23.79 3.99
N ASN A 85 -18.68 -25.06 3.58
CA ASN A 85 -17.50 -25.75 3.06
C ASN A 85 -17.29 -25.44 1.59
N PRO A 86 -16.02 -25.28 1.16
CA PRO A 86 -15.63 -24.94 -0.21
C PRO A 86 -16.22 -25.86 -1.27
N ASN A 87 -16.84 -25.28 -2.29
CA ASN A 87 -17.45 -26.03 -3.39
C ASN A 87 -16.62 -26.01 -4.67
N THR A 88 -15.38 -25.54 -4.57
CA THR A 88 -14.42 -25.58 -5.66
C THR A 88 -13.11 -26.17 -5.12
N PRO A 89 -12.25 -26.72 -6.00
CA PRO A 89 -10.98 -27.29 -5.54
C PRO A 89 -10.12 -26.31 -4.71
N LEU A 90 -9.45 -26.84 -3.70
CA LEU A 90 -8.58 -26.05 -2.84
C LEU A 90 -7.20 -25.88 -3.46
N SER A 91 -6.75 -24.62 -3.54
CA SER A 91 -5.45 -24.29 -4.12
C SER A 91 -4.88 -23.02 -3.50
N GLU A 92 -3.54 -22.92 -3.49
CA GLU A 92 -2.87 -21.68 -3.10
C GLU A 92 -3.13 -20.61 -4.16
N ASP A 93 -3.19 -21.05 -5.42
CA ASP A 93 -3.61 -20.21 -6.52
C ASP A 93 -5.12 -20.03 -6.45
N CYS A 94 -5.53 -18.98 -5.74
CA CYS A 94 -6.95 -18.75 -5.47
C CYS A 94 -7.38 -17.28 -5.64
N LEU A 95 -6.41 -16.42 -5.91
CA LEU A 95 -6.65 -14.97 -6.00
C LEU A 95 -7.36 -14.59 -7.30
N TYR A 96 -8.69 -14.59 -7.26
CA TYR A 96 -9.52 -14.31 -8.43
C TYR A 96 -10.73 -13.45 -8.06
N ILE A 97 -11.35 -12.85 -9.07
CA ILE A 97 -12.56 -12.05 -8.87
C ILE A 97 -13.70 -12.58 -9.74
N ASN A 98 -14.93 -12.41 -9.24
CA ASN A 98 -16.12 -12.73 -10.00
C ASN A 98 -16.96 -11.47 -10.21
N VAL A 99 -17.43 -11.26 -11.44
CA VAL A 99 -18.27 -10.11 -11.75
C VAL A 99 -19.56 -10.58 -12.39
N VAL A 100 -20.69 -10.12 -11.85
CA VAL A 100 -22.01 -10.44 -12.40
C VAL A 100 -22.79 -9.16 -12.72
N ALA A 101 -23.20 -9.05 -13.99
CA ALA A 101 -23.91 -7.88 -14.48
C ALA A 101 -25.31 -8.25 -14.98
N PRO A 102 -26.32 -7.41 -14.69
CA PRO A 102 -27.68 -7.67 -15.19
C PRO A 102 -27.81 -7.50 -16.71
N ARG A 103 -28.81 -8.16 -17.28
CA ARG A 103 -29.15 -8.04 -18.70
C ARG A 103 -30.57 -7.47 -18.82
N PRO A 104 -30.73 -6.32 -19.51
CA PRO A 104 -29.74 -5.58 -20.31
C PRO A 104 -28.65 -4.91 -19.47
N ARG A 105 -27.44 -4.91 -20.00
CA ARG A 105 -26.28 -4.32 -19.33
C ARG A 105 -26.50 -2.83 -19.07
N PRO A 106 -26.52 -2.43 -17.79
CA PRO A 106 -26.76 -1.03 -17.44
C PRO A 106 -25.61 -0.14 -17.90
N LYS A 107 -25.94 1.10 -18.27
CA LYS A 107 -24.96 2.07 -18.75
C LYS A 107 -23.82 2.19 -17.75
N ASN A 108 -24.18 2.67 -16.55
CA ASN A 108 -23.23 2.94 -15.49
C ASN A 108 -23.98 2.78 -14.16
N ALA A 109 -23.77 1.64 -13.52
CA ALA A 109 -24.54 1.26 -12.33
C ALA A 109 -23.69 1.14 -11.08
N ALA A 110 -24.34 1.27 -9.92
CA ALA A 110 -23.71 1.05 -8.63
C ALA A 110 -23.26 -0.40 -8.50
N VAL A 111 -22.14 -0.61 -7.82
CA VAL A 111 -21.56 -1.95 -7.68
C VAL A 111 -21.49 -2.38 -6.22
N MET A 112 -22.02 -3.59 -5.96
CA MET A 112 -21.98 -4.17 -4.62
C MET A 112 -20.92 -5.26 -4.52
N LEU A 113 -19.87 -4.98 -3.76
CA LEU A 113 -18.73 -5.87 -3.63
C LEU A 113 -18.78 -6.70 -2.35
N TRP A 114 -18.84 -8.02 -2.51
CA TRP A 114 -19.00 -8.95 -1.39
C TRP A 114 -17.67 -9.54 -0.89
N ILE A 115 -17.29 -9.15 0.31
CA ILE A 115 -16.19 -9.79 1.01
C ILE A 115 -16.79 -10.83 1.94
N PHE A 116 -16.55 -12.10 1.65
CA PHE A 116 -17.06 -13.18 2.48
C PHE A 116 -16.37 -13.21 3.83
N GLY A 117 -17.03 -13.81 4.81
CA GLY A 117 -16.46 -13.99 6.14
C GLY A 117 -16.37 -15.46 6.51
N GLY A 118 -15.23 -15.86 7.04
CA GLY A 118 -15.05 -17.23 7.51
C GLY A 118 -14.23 -17.30 8.77
N GLY A 119 -14.31 -16.24 9.58
CA GLY A 119 -13.51 -16.11 10.79
C GLY A 119 -12.03 -16.01 10.50
N PHE A 120 -11.69 -15.59 9.28
CA PHE A 120 -10.30 -15.48 8.82
C PHE A 120 -9.55 -16.81 8.73
N TYR A 121 -10.27 -17.91 8.80
CA TYR A 121 -9.68 -19.24 8.64
C TYR A 121 -10.29 -20.03 7.49
N SER A 122 -11.44 -19.55 7.00
CA SER A 122 -12.20 -20.26 5.97
C SER A 122 -12.98 -19.33 5.05
N GLY A 123 -13.60 -19.93 4.04
CA GLY A 123 -14.53 -19.21 3.16
C GLY A 123 -14.10 -19.16 1.70
N THR A 124 -15.08 -18.92 0.84
CA THR A 124 -14.86 -18.74 -0.59
C THR A 124 -16.01 -17.93 -1.19
N ALA A 125 -15.71 -17.18 -2.25
CA ALA A 125 -16.71 -16.39 -2.94
C ALA A 125 -17.68 -17.26 -3.74
N THR A 126 -17.31 -18.52 -3.94
CA THR A 126 -18.05 -19.44 -4.80
C THR A 126 -19.20 -20.20 -4.11
N LEU A 127 -19.32 -20.04 -2.81
CA LEU A 127 -20.39 -20.70 -2.04
C LEU A 127 -21.75 -20.38 -2.63
N ASP A 128 -22.60 -21.41 -2.74
CA ASP A 128 -23.93 -21.29 -3.33
C ASP A 128 -24.81 -20.28 -2.60
N VAL A 129 -24.60 -20.13 -1.29
CA VAL A 129 -25.31 -19.14 -0.49
C VAL A 129 -25.10 -17.71 -1.01
N TYR A 130 -23.87 -17.40 -1.41
CA TYR A 130 -23.60 -16.14 -2.07
C TYR A 130 -23.79 -16.30 -3.57
N ASP A 131 -25.03 -16.14 -4.04
CA ASP A 131 -25.28 -16.17 -5.47
C ASP A 131 -25.66 -14.79 -5.96
N HIS A 132 -24.83 -14.27 -6.87
CA HIS A 132 -24.98 -12.90 -7.35
C HIS A 132 -26.09 -12.79 -8.38
N ARG A 133 -26.31 -13.87 -9.13
CA ARG A 133 -27.36 -13.95 -10.14
C ARG A 133 -28.67 -13.33 -9.67
N ALA A 134 -29.09 -13.68 -8.45
CA ALA A 134 -30.36 -13.23 -7.89
C ALA A 134 -30.34 -11.76 -7.50
N LEU A 135 -29.28 -11.32 -6.84
CA LEU A 135 -29.14 -9.93 -6.37
C LEU A 135 -28.99 -8.95 -7.54
N ALA A 136 -28.23 -9.37 -8.56
CA ALA A 136 -28.00 -8.56 -9.76
C ALA A 136 -29.28 -8.38 -10.58
N SER A 137 -29.92 -9.49 -10.92
CA SER A 137 -31.12 -9.49 -11.76
C SER A 137 -32.32 -8.80 -11.14
N GLU A 138 -32.40 -8.81 -9.80
CA GLU A 138 -33.57 -8.30 -9.10
C GLU A 138 -33.45 -6.83 -8.72
N GLU A 139 -32.22 -6.38 -8.48
CA GLU A 139 -31.98 -5.02 -8.01
C GLU A 139 -31.32 -4.11 -9.05
N ASN A 140 -30.94 -4.71 -10.18
CA ASN A 140 -30.27 -4.01 -11.30
C ASN A 140 -28.94 -3.38 -10.86
N VAL A 141 -28.04 -4.23 -10.39
CA VAL A 141 -26.78 -3.81 -9.78
C VAL A 141 -25.65 -4.76 -10.19
N ILE A 142 -24.44 -4.23 -10.35
CA ILE A 142 -23.26 -5.05 -10.58
C ILE A 142 -22.85 -5.68 -9.25
N VAL A 143 -22.86 -7.01 -9.20
CA VAL A 143 -22.47 -7.72 -7.98
C VAL A 143 -21.10 -8.37 -8.19
N VAL A 144 -20.18 -8.05 -7.29
CA VAL A 144 -18.78 -8.47 -7.41
C VAL A 144 -18.29 -9.13 -6.14
N SER A 145 -17.62 -10.28 -6.29
CA SER A 145 -17.02 -10.97 -5.15
C SER A 145 -15.55 -11.30 -5.42
N LEU A 146 -14.75 -11.16 -4.38
CA LEU A 146 -13.32 -11.45 -4.47
C LEU A 146 -12.95 -12.64 -3.59
N GLN A 147 -11.82 -13.26 -3.93
CA GLN A 147 -11.23 -14.29 -3.09
C GLN A 147 -10.03 -13.69 -2.38
N TYR A 148 -9.82 -14.07 -1.13
CA TYR A 148 -8.64 -13.61 -0.39
C TYR A 148 -8.03 -14.73 0.42
N ARG A 149 -6.70 -14.74 0.49
CA ARG A 149 -5.96 -15.72 1.27
C ARG A 149 -6.44 -15.73 2.71
N VAL A 150 -6.63 -16.93 3.24
CA VAL A 150 -7.25 -17.13 4.54
C VAL A 150 -6.37 -18.02 5.41
N ALA A 151 -6.65 -18.06 6.72
CA ALA A 151 -5.82 -18.78 7.69
C ALA A 151 -4.40 -18.21 7.76
N SER A 152 -3.43 -19.01 8.17
CA SER A 152 -2.03 -18.57 8.26
C SER A 152 -1.47 -18.16 6.89
N LEU A 153 -1.90 -18.86 5.85
CA LEU A 153 -1.50 -18.55 4.48
C LEU A 153 -1.82 -17.11 4.09
N GLY A 154 -2.80 -16.53 4.77
CA GLY A 154 -3.20 -15.16 4.52
C GLY A 154 -2.96 -14.19 5.67
N PHE A 155 -2.65 -14.71 6.85
CA PHE A 155 -2.56 -13.85 8.04
C PHE A 155 -1.43 -14.15 9.02
N LEU A 156 -0.49 -15.02 8.62
CA LEU A 156 0.72 -15.27 9.40
C LEU A 156 1.53 -13.99 9.55
N PHE A 157 1.99 -13.71 10.76
CA PHE A 157 2.78 -12.52 11.04
C PHE A 157 3.99 -12.86 11.91
N LEU A 158 5.16 -12.39 11.51
CA LEU A 158 6.38 -12.57 12.31
C LEU A 158 7.14 -11.27 12.57
N GLY A 159 6.80 -10.22 11.84
CA GLY A 159 7.47 -8.92 11.98
C GLY A 159 8.51 -8.69 10.90
N THR A 160 9.04 -9.78 10.36
CA THR A 160 10.00 -9.74 9.26
C THR A 160 9.30 -9.37 7.94
N PRO A 161 10.06 -8.86 6.96
CA PRO A 161 9.50 -8.64 5.63
C PRO A 161 9.07 -9.95 4.96
N GLU A 162 9.55 -11.06 5.52
CA GLU A 162 9.21 -12.40 5.05
C GLU A 162 7.77 -12.76 5.41
N ALA A 163 7.35 -12.39 6.61
CA ALA A 163 5.98 -12.58 7.08
C ALA A 163 5.48 -11.25 7.66
N PRO A 164 4.99 -10.34 6.80
CA PRO A 164 4.60 -9.00 7.20
C PRO A 164 3.21 -8.91 7.83
N GLY A 165 2.40 -9.95 7.64
CA GLY A 165 1.04 -9.97 8.16
C GLY A 165 0.03 -9.32 7.23
N ASN A 166 -1.25 -9.54 7.52
CA ASN A 166 -2.38 -8.95 6.78
C ASN A 166 -2.40 -9.23 5.27
N ALA A 167 -1.70 -10.29 4.85
CA ALA A 167 -1.61 -10.66 3.44
C ALA A 167 -2.98 -10.79 2.77
N GLY A 168 -3.95 -11.34 3.51
CA GLY A 168 -5.31 -11.49 3.03
C GLY A 168 -6.02 -10.16 2.83
N LEU A 169 -5.72 -9.20 3.70
CA LEU A 169 -6.28 -7.85 3.59
C LEU A 169 -5.73 -7.12 2.37
N PHE A 170 -4.45 -7.30 2.10
CA PHE A 170 -3.80 -6.76 0.91
C PHE A 170 -4.35 -7.41 -0.36
N ASP A 171 -4.73 -8.68 -0.27
CA ASP A 171 -5.41 -9.39 -1.35
C ASP A 171 -6.73 -8.69 -1.69
N GLN A 172 -7.50 -8.36 -0.65
CA GLN A 172 -8.78 -7.65 -0.81
C GLN A 172 -8.55 -6.27 -1.39
N ASN A 173 -7.54 -5.57 -0.87
CA ASN A 173 -7.20 -4.22 -1.30
C ASN A 173 -6.83 -4.14 -2.78
N LEU A 174 -5.97 -5.06 -3.21
CA LEU A 174 -5.57 -5.15 -4.61
C LEU A 174 -6.79 -5.40 -5.50
N ALA A 175 -7.70 -6.24 -5.01
CA ALA A 175 -8.94 -6.55 -5.73
C ALA A 175 -9.87 -5.34 -5.82
N LEU A 176 -9.78 -4.45 -4.83
CA LEU A 176 -10.55 -3.21 -4.82
C LEU A 176 -10.03 -2.24 -5.87
N ARG A 177 -8.70 -2.18 -5.98
CA ARG A 177 -8.04 -1.37 -7.01
C ARG A 177 -8.36 -1.90 -8.40
N TRP A 178 -8.47 -3.22 -8.52
CA TRP A 178 -8.86 -3.86 -9.78
C TRP A 178 -10.25 -3.38 -10.21
N VAL A 179 -11.16 -3.28 -9.24
CA VAL A 179 -12.53 -2.86 -9.51
C VAL A 179 -12.58 -1.41 -10.01
N ARG A 180 -11.91 -0.50 -9.30
CA ARG A 180 -11.81 0.90 -9.74
C ARG A 180 -11.32 1.03 -11.19
N ASP A 181 -10.30 0.25 -11.52
CA ASP A 181 -9.71 0.27 -12.86
C ASP A 181 -10.62 -0.32 -13.94
N ASN A 182 -11.26 -1.45 -13.63
CA ASN A 182 -11.87 -2.28 -14.66
C ASN A 182 -13.39 -2.42 -14.65
N ILE A 183 -14.02 -2.08 -13.52
CA ILE A 183 -15.46 -2.35 -13.36
C ILE A 183 -16.36 -1.60 -14.35
N HIS A 184 -15.90 -0.45 -14.83
CA HIS A 184 -16.69 0.37 -15.75
C HIS A 184 -16.99 -0.36 -17.05
N ARG A 185 -16.06 -1.21 -17.48
CA ARG A 185 -16.18 -1.94 -18.73
C ARG A 185 -17.32 -2.97 -18.68
N PHE A 186 -17.78 -3.27 -17.47
CA PHE A 186 -18.88 -4.21 -17.26
C PHE A 186 -20.21 -3.47 -17.08
N GLY A 187 -20.14 -2.15 -16.93
CA GLY A 187 -21.31 -1.32 -16.66
C GLY A 187 -21.29 -0.81 -15.23
N GLY A 188 -20.10 -0.85 -14.62
CA GLY A 188 -19.92 -0.42 -13.24
C GLY A 188 -19.61 1.06 -13.11
N ASP A 189 -19.62 1.55 -11.88
CA ASP A 189 -19.36 2.95 -11.58
C ASP A 189 -18.34 3.07 -10.46
N PRO A 190 -17.04 3.19 -10.81
CA PRO A 190 -15.94 3.19 -9.85
C PRO A 190 -16.10 4.18 -8.70
N SER A 191 -16.98 5.16 -8.87
CA SER A 191 -17.29 6.13 -7.81
C SER A 191 -18.19 5.51 -6.75
N ARG A 192 -19.26 4.84 -7.19
CA ARG A 192 -20.23 4.22 -6.30
C ARG A 192 -19.94 2.73 -6.08
N VAL A 193 -18.96 2.45 -5.21
CA VAL A 193 -18.63 1.07 -4.85
C VAL A 193 -19.01 0.84 -3.40
N THR A 194 -20.03 0.01 -3.18
CA THR A 194 -20.46 -0.33 -1.83
C THR A 194 -19.90 -1.69 -1.42
N LEU A 195 -19.11 -1.69 -0.35
CA LEU A 195 -18.56 -2.92 0.22
C LEU A 195 -19.55 -3.51 1.20
N PHE A 196 -19.81 -4.80 1.07
CA PHE A 196 -20.64 -5.49 2.04
C PHE A 196 -20.11 -6.88 2.38
N GLY A 197 -20.12 -7.20 3.67
CA GLY A 197 -19.60 -8.47 4.17
C GLY A 197 -20.29 -8.90 5.45
N GLU A 198 -20.10 -10.17 5.79
CA GLU A 198 -20.69 -10.74 7.00
C GLU A 198 -19.58 -11.32 7.89
N SER A 199 -19.74 -11.16 9.20
CA SER A 199 -18.79 -11.66 10.20
C SER A 199 -17.39 -11.08 9.98
N ALA A 200 -16.42 -11.94 9.68
CA ALA A 200 -15.05 -11.51 9.39
C ALA A 200 -14.98 -10.71 8.09
N GLY A 201 -15.91 -10.98 7.18
CA GLY A 201 -16.05 -10.20 5.96
C GLY A 201 -16.49 -8.78 6.24
N ALA A 202 -17.35 -8.62 7.25
CA ALA A 202 -17.76 -7.29 7.71
C ALA A 202 -16.63 -6.61 8.46
N VAL A 203 -15.87 -7.39 9.24
CA VAL A 203 -14.67 -6.91 9.92
C VAL A 203 -13.69 -6.36 8.89
N SER A 204 -13.54 -7.09 7.78
CA SER A 204 -12.74 -6.64 6.65
C SER A 204 -13.24 -5.30 6.11
N VAL A 205 -14.54 -5.25 5.79
CA VAL A 205 -15.18 -4.03 5.29
C VAL A 205 -14.86 -2.85 6.20
N SER A 206 -14.94 -3.07 7.51
CA SER A 206 -14.66 -2.02 8.49
C SER A 206 -13.21 -1.55 8.46
N LEU A 207 -12.30 -2.49 8.23
CA LEU A 207 -10.88 -2.17 8.16
C LEU A 207 -10.54 -1.37 6.92
N HIS A 208 -11.27 -1.61 5.84
CA HIS A 208 -11.14 -0.82 4.61
C HIS A 208 -11.66 0.60 4.80
N LEU A 209 -12.61 0.77 5.74
CA LEU A 209 -13.09 2.10 6.12
C LEU A 209 -12.03 2.85 6.92
N LEU A 210 -11.20 2.10 7.65
CA LEU A 210 -10.14 2.68 8.47
C LEU A 210 -8.83 2.87 7.70
N SER A 211 -8.53 1.92 6.81
CA SER A 211 -7.23 1.85 6.14
C SER A 211 -6.94 3.05 5.23
N ALA A 212 -5.67 3.46 5.23
CA ALA A 212 -5.17 4.52 4.37
C ALA A 212 -5.14 4.05 2.92
N LEU A 213 -4.62 2.84 2.70
CA LEU A 213 -4.44 2.29 1.35
C LEU A 213 -5.75 1.95 0.68
N SER A 214 -6.82 1.83 1.49
CA SER A 214 -8.10 1.36 0.99
C SER A 214 -9.15 2.48 0.91
N ARG A 215 -8.80 3.64 1.46
CA ARG A 215 -9.75 4.76 1.68
C ARG A 215 -10.58 5.19 0.46
N ASP A 216 -9.92 5.54 -0.63
CA ASP A 216 -10.61 6.07 -1.80
C ASP A 216 -10.86 5.03 -2.90
N LEU A 217 -10.98 3.77 -2.48
CA LEU A 217 -11.20 2.66 -3.42
C LEU A 217 -12.68 2.25 -3.47
N PHE A 218 -13.47 2.78 -2.55
CA PHE A 218 -14.91 2.49 -2.47
C PHE A 218 -15.69 3.68 -1.92
N GLN A 219 -17.01 3.60 -1.96
CA GLN A 219 -17.88 4.69 -1.53
C GLN A 219 -18.53 4.43 -0.17
N ARG A 220 -19.40 3.43 -0.12
CA ARG A 220 -20.17 3.11 1.09
C ARG A 220 -19.88 1.71 1.60
N ALA A 221 -20.41 1.38 2.78
CA ALA A 221 -20.16 0.09 3.42
C ALA A 221 -21.36 -0.48 4.15
N ILE A 222 -21.65 -1.75 3.89
CA ILE A 222 -22.64 -2.51 4.66
C ILE A 222 -21.89 -3.56 5.48
N LEU A 223 -22.21 -3.64 6.77
CA LEU A 223 -21.50 -4.54 7.69
C LEU A 223 -22.46 -5.45 8.45
N GLN A 224 -22.52 -6.71 8.04
CA GLN A 224 -23.41 -7.68 8.65
C GLN A 224 -22.70 -8.47 9.75
N SER A 225 -23.14 -8.25 10.99
CA SER A 225 -22.67 -9.00 12.17
C SER A 225 -21.14 -8.93 12.42
N GLY A 226 -20.51 -7.84 12.00
CA GLY A 226 -19.07 -7.68 12.15
C GLY A 226 -18.62 -6.27 12.50
N SER A 227 -17.50 -6.17 13.23
CA SER A 227 -16.97 -4.90 13.72
C SER A 227 -15.48 -5.01 14.03
N PRO A 228 -14.69 -3.95 13.72
CA PRO A 228 -13.23 -4.04 13.89
C PRO A 228 -12.80 -4.03 15.35
N THR A 229 -13.74 -3.74 16.25
CA THR A 229 -13.47 -3.67 17.68
C THR A 229 -13.83 -4.98 18.39
N ALA A 230 -14.23 -5.99 17.61
CA ALA A 230 -14.56 -7.31 18.15
C ALA A 230 -13.30 -7.99 18.71
N PRO A 231 -13.44 -8.72 19.83
CA PRO A 231 -12.30 -9.35 20.52
C PRO A 231 -11.48 -10.32 19.66
N TRP A 232 -12.11 -10.85 18.61
CA TRP A 232 -11.46 -11.81 17.71
C TRP A 232 -10.93 -11.18 16.43
N ALA A 233 -11.36 -9.96 16.14
CA ALA A 233 -11.03 -9.27 14.89
C ALA A 233 -9.53 -9.02 14.69
N LEU A 234 -8.86 -8.62 15.77
CA LEU A 234 -7.41 -8.39 15.72
C LEU A 234 -6.67 -9.15 16.81
N VAL A 235 -5.37 -9.27 16.62
CA VAL A 235 -4.49 -9.90 17.60
C VAL A 235 -3.21 -9.05 17.72
N SER A 236 -2.63 -9.01 18.91
CA SER A 236 -1.43 -8.22 19.14
C SER A 236 -0.26 -8.76 18.34
N ARG A 237 0.63 -7.85 17.92
CA ARG A 237 1.85 -8.20 17.19
C ARG A 237 2.66 -9.26 17.92
N GLU A 238 2.72 -9.13 19.24
CA GLU A 238 3.46 -10.04 20.10
C GLU A 238 2.88 -11.46 20.08
N GLU A 239 1.56 -11.57 20.26
CA GLU A 239 0.89 -12.87 20.24
C GLU A 239 0.96 -13.49 18.84
N ALA A 240 0.71 -12.68 17.82
CA ALA A 240 0.73 -13.13 16.43
C ALA A 240 2.05 -13.82 16.04
N THR A 241 3.16 -13.32 16.57
CA THR A 241 4.48 -13.92 16.32
C THR A 241 4.64 -15.25 17.07
N LEU A 242 4.10 -15.31 18.29
CA LEU A 242 4.10 -16.55 19.07
C LEU A 242 3.21 -17.62 18.44
N ARG A 243 2.05 -17.19 17.94
CA ARG A 243 1.13 -18.07 17.21
C ARG A 243 1.81 -18.68 15.99
N ALA A 244 2.67 -17.89 15.35
CA ALA A 244 3.41 -18.32 14.17
C ALA A 244 4.49 -19.33 14.54
N LEU A 245 5.21 -19.06 15.63
CA LEU A 245 6.26 -19.95 16.11
C LEU A 245 5.70 -21.27 16.63
N ARG A 246 4.49 -21.22 17.20
CA ARG A 246 3.76 -22.41 17.63
C ARG A 246 3.41 -23.28 16.43
N LEU A 247 2.99 -22.63 15.34
CA LEU A 247 2.69 -23.33 14.09
C LEU A 247 3.96 -23.94 13.50
N ALA A 248 5.05 -23.20 13.58
CA ALA A 248 6.36 -23.68 13.13
C ALA A 248 6.76 -24.93 13.91
N GLU A 249 6.65 -24.85 15.23
CA GLU A 249 6.98 -25.97 16.11
C GLU A 249 6.10 -27.19 15.84
N ALA A 250 4.79 -26.99 15.77
CA ALA A 250 3.83 -28.06 15.58
C ALA A 250 3.95 -28.77 14.24
N VAL A 251 4.47 -28.07 13.24
CA VAL A 251 4.60 -28.63 11.89
C VAL A 251 5.97 -29.29 11.66
N GLY A 252 6.91 -29.02 12.58
CA GLY A 252 8.25 -29.61 12.53
C GLY A 252 9.38 -28.62 12.30
N CYS A 253 9.02 -27.39 11.93
CA CYS A 253 9.98 -26.33 11.62
C CYS A 253 10.70 -25.77 12.84
N PRO A 254 11.76 -25.02 12.62
CA PRO A 254 12.48 -24.42 13.73
C PRO A 254 11.70 -23.28 14.34
N HIS A 255 11.73 -23.14 15.65
CA HIS A 255 10.99 -22.09 16.31
C HIS A 255 11.87 -21.29 17.23
N GLU A 256 12.45 -20.19 16.75
CA GLU A 256 13.33 -19.40 17.61
C GLU A 256 13.23 -17.89 17.40
N PRO A 257 12.71 -17.17 18.49
CA PRO A 257 12.53 -15.73 18.23
C PRO A 257 13.77 -14.94 17.85
N SER A 258 14.90 -15.61 17.89
CA SER A 258 16.20 -15.07 17.49
C SER A 258 16.34 -15.06 15.97
N LYS A 259 16.16 -16.22 15.35
CA LYS A 259 16.26 -16.38 13.90
C LYS A 259 14.93 -16.79 13.28
N LEU A 260 14.26 -15.82 12.66
CA LEU A 260 12.92 -16.01 12.11
C LEU A 260 12.93 -16.38 10.63
N SER A 261 14.03 -16.04 9.95
CA SER A 261 14.19 -16.37 8.53
C SER A 261 14.22 -17.87 8.29
N ASP A 262 14.70 -18.63 9.29
CA ASP A 262 14.70 -20.09 9.25
C ASP A 262 13.27 -20.63 9.33
N ALA A 263 12.46 -19.99 10.17
CA ALA A 263 11.07 -20.39 10.37
C ALA A 263 10.24 -20.25 9.09
N VAL A 264 10.25 -19.04 8.51
CA VAL A 264 9.48 -18.75 7.29
C VAL A 264 9.92 -19.58 6.09
N GLU A 265 11.23 -19.79 5.95
CA GLU A 265 11.79 -20.59 4.87
C GLU A 265 11.31 -22.04 4.94
N CYS A 266 11.36 -22.60 6.14
CA CYS A 266 10.86 -23.95 6.40
C CYS A 266 9.34 -24.02 6.17
N LEU A 267 8.62 -23.00 6.63
CA LEU A 267 7.17 -22.94 6.48
C LEU A 267 6.73 -22.83 5.02
N ARG A 268 7.53 -22.12 4.21
CA ARG A 268 7.29 -22.02 2.77
C ARG A 268 7.54 -23.36 2.07
N GLY A 269 8.23 -24.26 2.78
CA GLY A 269 8.54 -25.60 2.26
C GLY A 269 7.46 -26.64 2.54
N LYS A 270 6.76 -26.48 3.66
CA LYS A 270 5.73 -27.46 4.07
C LYS A 270 4.46 -27.38 3.21
N ASP A 271 3.67 -28.45 3.27
CA ASP A 271 2.42 -28.55 2.50
C ASP A 271 1.40 -27.56 3.04
N PRO A 272 0.67 -26.87 2.15
CA PRO A 272 -0.36 -25.90 2.56
C PRO A 272 -1.40 -26.50 3.50
N HIS A 273 -1.90 -27.69 3.17
CA HIS A 273 -2.91 -28.37 3.99
C HIS A 273 -2.35 -28.77 5.35
N VAL A 274 -1.11 -29.27 5.36
CA VAL A 274 -0.42 -29.63 6.60
C VAL A 274 -0.22 -28.38 7.46
N LEU A 275 -0.11 -27.23 6.80
CA LEU A 275 0.11 -25.96 7.48
C LEU A 275 -1.16 -25.48 8.19
N VAL A 276 -2.27 -25.42 7.44
CA VAL A 276 -3.53 -24.92 7.99
C VAL A 276 -4.13 -25.85 9.06
N ASN A 277 -3.89 -27.15 8.92
CA ASN A 277 -4.46 -28.14 9.83
C ASN A 277 -3.79 -28.24 11.20
N ASN A 278 -2.77 -27.41 11.43
CA ASN A 278 -2.05 -27.39 12.69
C ASN A 278 -2.09 -26.05 13.42
N GLU A 279 -2.96 -25.14 12.97
CA GLU A 279 -3.10 -23.81 13.56
C GLU A 279 -3.89 -23.86 14.87
N TRP A 280 -4.68 -24.90 15.03
CA TRP A 280 -5.66 -24.97 16.11
C TRP A 280 -5.11 -25.65 17.36
N GLY A 281 -4.69 -24.84 18.32
CA GLY A 281 -4.14 -25.32 19.59
C GLY A 281 -5.11 -25.15 20.73
N THR A 282 -4.65 -24.51 21.80
CA THR A 282 -5.49 -24.22 22.95
C THR A 282 -6.10 -22.82 22.82
N LEU A 283 -7.29 -22.78 22.22
CA LEU A 283 -8.01 -21.52 22.03
C LEU A 283 -9.40 -21.59 22.65
N GLY A 284 -9.80 -20.52 23.32
CA GLY A 284 -11.14 -20.40 23.89
C GLY A 284 -12.18 -20.20 22.81
N ILE A 285 -13.43 -20.00 23.20
CA ILE A 285 -14.48 -19.75 22.23
C ILE A 285 -14.22 -18.43 21.50
N CYS A 286 -14.64 -18.35 20.24
CA CYS A 286 -14.57 -17.13 19.44
C CYS A 286 -13.20 -16.46 19.39
N GLU A 287 -12.14 -17.26 19.44
CA GLU A 287 -10.81 -16.75 19.14
C GLU A 287 -10.13 -17.59 18.07
N PHE A 288 -9.75 -16.93 16.97
CA PHE A 288 -9.21 -17.60 15.80
C PHE A 288 -7.70 -17.34 15.68
N PRO A 289 -6.94 -18.37 15.26
CA PRO A 289 -5.48 -18.36 15.39
C PRO A 289 -4.75 -17.31 14.54
N PHE A 290 -5.18 -17.14 13.29
CA PHE A 290 -4.52 -16.21 12.39
C PHE A 290 -5.49 -15.20 11.78
N VAL A 291 -5.42 -13.98 12.30
CA VAL A 291 -6.32 -12.88 11.97
C VAL A 291 -5.52 -11.61 11.69
N PRO A 292 -6.18 -10.52 11.27
CA PRO A 292 -5.51 -9.23 11.06
C PRO A 292 -4.69 -8.77 12.26
N VAL A 293 -3.67 -7.98 11.98
CA VAL A 293 -2.79 -7.41 13.00
C VAL A 293 -2.36 -6.02 12.53
N VAL A 294 -2.14 -5.11 13.49
CA VAL A 294 -1.64 -3.77 13.19
C VAL A 294 -0.21 -3.86 12.64
N ASP A 295 -0.08 -3.74 11.31
CA ASP A 295 1.18 -3.99 10.61
C ASP A 295 2.03 -2.74 10.35
N GLY A 296 1.38 -1.59 10.19
CA GLY A 296 2.05 -0.34 9.91
C GLY A 296 1.75 0.21 8.52
N ALA A 297 1.44 -0.70 7.59
CA ALA A 297 1.15 -0.33 6.22
C ALA A 297 -0.34 -0.28 5.91
N PHE A 298 -1.05 -1.37 6.22
CA PHE A 298 -2.51 -1.42 6.05
C PHE A 298 -3.20 -0.72 7.20
N LEU A 299 -2.74 -1.01 8.42
CA LEU A 299 -3.20 -0.32 9.63
C LEU A 299 -1.98 0.01 10.48
N ASP A 300 -1.83 1.28 10.84
CA ASP A 300 -0.71 1.71 11.69
C ASP A 300 -1.12 2.02 13.13
N GLU A 301 -2.38 1.73 13.45
CA GLU A 301 -2.92 1.87 14.81
C GLU A 301 -4.11 0.94 15.01
N THR A 302 -4.33 0.53 16.27
CA THR A 302 -5.48 -0.31 16.62
C THR A 302 -6.79 0.40 16.29
N PRO A 303 -7.79 -0.35 15.80
CA PRO A 303 -9.11 0.23 15.51
C PRO A 303 -9.72 1.02 16.67
N GLN A 304 -9.34 0.69 17.91
CA GLN A 304 -9.74 1.46 19.08
C GLN A 304 -9.37 2.92 18.91
N ARG A 305 -8.07 3.18 18.76
CA ARG A 305 -7.54 4.53 18.64
C ARG A 305 -8.01 5.25 17.37
N SER A 306 -8.28 4.48 16.31
CA SER A 306 -8.83 5.03 15.07
C SER A 306 -10.26 5.49 15.26
N LEU A 307 -11.03 4.73 16.04
CA LEU A 307 -12.42 5.09 16.34
C LEU A 307 -12.46 6.25 17.33
N ALA A 308 -11.62 6.19 18.36
CA ALA A 308 -11.54 7.24 19.38
C ALA A 308 -11.17 8.60 18.80
N SER A 309 -10.18 8.60 17.90
CA SER A 309 -9.71 9.83 17.25
C SER A 309 -10.58 10.25 16.08
N GLY A 310 -11.47 9.37 15.64
CA GLY A 310 -12.35 9.65 14.52
C GLY A 310 -11.67 9.47 13.18
N ARG A 311 -10.49 8.87 13.19
CA ARG A 311 -9.74 8.60 11.96
C ARG A 311 -10.31 7.40 11.21
N PHE A 312 -11.40 7.65 10.50
CA PHE A 312 -12.02 6.69 9.60
C PHE A 312 -12.83 7.43 8.55
N LYS A 313 -13.10 6.76 7.42
CA LYS A 313 -13.81 7.37 6.30
C LYS A 313 -15.13 8.03 6.74
N LYS A 314 -15.42 9.19 6.16
CA LYS A 314 -16.73 9.81 6.31
C LYS A 314 -17.65 9.30 5.20
N THR A 315 -18.56 8.40 5.56
CA THR A 315 -19.54 7.83 4.63
C THR A 315 -20.69 7.13 5.38
N GLU A 316 -21.76 6.84 4.65
CA GLU A 316 -22.93 6.17 5.22
C GLU A 316 -22.64 4.70 5.56
N ILE A 317 -23.29 4.20 6.61
CA ILE A 317 -23.05 2.86 7.14
C ILE A 317 -24.37 2.14 7.39
N LEU A 318 -24.50 0.93 6.84
CA LEU A 318 -25.62 0.05 7.17
C LEU A 318 -25.07 -1.17 7.88
N THR A 319 -25.49 -1.37 9.13
CA THR A 319 -24.94 -2.43 9.96
C THR A 319 -26.02 -3.02 10.88
N GLY A 320 -25.72 -4.18 11.48
CA GLY A 320 -26.65 -4.80 12.42
C GLY A 320 -26.28 -6.21 12.83
N SER A 321 -27.05 -6.76 13.77
CA SER A 321 -26.80 -8.08 14.35
C SER A 321 -28.00 -9.01 14.19
N ASN A 322 -27.79 -10.29 14.51
CA ASN A 322 -28.87 -11.25 14.65
C ASN A 322 -29.16 -11.52 16.13
N THR A 323 -30.31 -12.12 16.42
CA THR A 323 -30.74 -12.33 17.80
C THR A 323 -29.90 -13.35 18.58
N GLU A 324 -29.48 -14.42 17.90
CA GLU A 324 -28.69 -15.47 18.54
C GLU A 324 -27.32 -15.64 17.88
N GLU A 325 -26.46 -14.66 18.10
CA GLU A 325 -25.12 -14.66 17.48
C GLU A 325 -24.22 -15.72 18.09
N GLY A 326 -24.34 -15.91 19.40
CA GLY A 326 -23.49 -16.82 20.16
C GLY A 326 -23.61 -18.30 19.86
N TYR A 327 -24.84 -18.79 19.76
CA TYR A 327 -25.12 -20.23 19.64
C TYR A 327 -24.23 -21.00 18.68
N TYR A 328 -24.07 -20.47 17.47
CA TYR A 328 -23.27 -21.12 16.44
C TYR A 328 -21.90 -21.56 16.95
N PHE A 329 -21.22 -20.65 17.64
CA PHE A 329 -19.86 -20.89 18.12
C PHE A 329 -19.84 -21.75 19.37
N ILE A 330 -20.88 -21.63 20.20
CA ILE A 330 -21.04 -22.49 21.37
C ILE A 330 -21.31 -23.93 20.95
N ILE A 331 -21.95 -24.11 19.79
CA ILE A 331 -22.24 -25.44 19.27
C ILE A 331 -20.98 -26.21 18.88
N TYR A 332 -20.03 -25.52 18.24
CA TYR A 332 -18.78 -26.15 17.79
C TYR A 332 -17.75 -26.26 18.91
N TYR A 333 -17.56 -25.17 19.65
CA TYR A 333 -16.88 -25.20 20.95
C TYR A 333 -17.87 -25.89 21.89
N LEU A 334 -17.43 -26.22 23.10
CA LEU A 334 -18.36 -26.65 24.16
C LEU A 334 -19.39 -27.66 23.63
N THR A 335 -18.91 -28.80 23.16
CA THR A 335 -19.71 -29.70 22.33
C THR A 335 -20.51 -30.79 23.07
N GLU A 336 -20.08 -31.14 24.27
CA GLU A 336 -20.78 -32.17 25.07
C GLU A 336 -22.09 -31.61 25.62
N LEU A 337 -22.06 -30.35 26.04
CA LEU A 337 -23.26 -29.58 26.35
C LEU A 337 -23.67 -28.88 25.05
N LEU A 338 -24.97 -28.68 24.87
CA LEU A 338 -25.49 -28.06 23.63
C LEU A 338 -25.18 -28.89 22.38
N ARG A 339 -25.63 -30.14 22.38
CA ARG A 339 -25.43 -31.04 21.23
C ARG A 339 -26.35 -30.66 20.08
N LYS A 340 -26.01 -31.09 18.88
CA LYS A 340 -26.85 -30.84 17.70
C LYS A 340 -28.05 -31.79 17.72
N GLU A 341 -28.99 -31.48 18.61
CA GLU A 341 -30.18 -32.30 18.81
C GLU A 341 -31.33 -31.41 19.28
N GLU A 342 -32.56 -31.92 19.18
CA GLU A 342 -33.74 -31.15 19.54
C GLU A 342 -33.97 -31.09 21.04
N GLY A 343 -34.46 -29.95 21.51
CA GLY A 343 -34.82 -29.77 22.92
C GLY A 343 -33.66 -29.77 23.92
N VAL A 344 -32.54 -29.17 23.53
CA VAL A 344 -31.38 -29.04 24.41
C VAL A 344 -31.67 -28.00 25.51
N THR A 345 -31.28 -28.33 26.75
CA THR A 345 -31.40 -27.41 27.87
C THR A 345 -30.12 -27.41 28.71
N VAL A 346 -30.00 -26.42 29.59
CA VAL A 346 -28.83 -26.24 30.44
C VAL A 346 -29.25 -26.08 31.90
N THR A 347 -28.75 -26.95 32.77
CA THR A 347 -29.01 -26.84 34.20
C THR A 347 -28.25 -25.65 34.76
N ARG A 348 -28.77 -25.08 35.85
CA ARG A 348 -28.12 -23.94 36.51
C ARG A 348 -26.66 -24.24 36.83
N GLU A 349 -26.39 -25.46 37.28
CA GLU A 349 -25.03 -25.89 37.57
C GLU A 349 -24.16 -25.88 36.32
N GLU A 350 -24.71 -26.40 35.22
CA GLU A 350 -24.00 -26.44 33.93
C GLU A 350 -23.73 -25.03 33.40
N PHE A 351 -24.70 -24.14 33.58
CA PHE A 351 -24.57 -22.73 33.20
C PHE A 351 -23.43 -22.07 33.98
N LEU A 352 -23.40 -22.31 35.28
CA LEU A 352 -22.34 -21.79 36.15
C LEU A 352 -20.95 -22.20 35.67
N GLN A 353 -20.81 -23.47 35.29
CA GLN A 353 -19.57 -23.99 34.74
C GLN A 353 -19.24 -23.41 33.37
N ALA A 354 -20.28 -23.14 32.58
CA ALA A 354 -20.10 -22.64 31.23
C ALA A 354 -19.51 -21.23 31.17
N VAL A 355 -19.96 -20.34 32.05
CA VAL A 355 -19.44 -18.96 32.09
C VAL A 355 -17.95 -18.93 32.44
N ARG A 356 -17.48 -19.99 33.10
CA ARG A 356 -16.07 -20.13 33.42
C ARG A 356 -15.30 -20.56 32.17
N GLU A 357 -15.90 -21.47 31.41
CA GLU A 357 -15.29 -22.00 30.19
C GLU A 357 -15.35 -21.01 29.03
N LEU A 358 -16.38 -20.15 29.03
CA LEU A 358 -16.59 -19.20 27.94
C LEU A 358 -15.94 -17.84 28.18
N ASN A 359 -15.57 -17.55 29.42
CA ASN A 359 -14.77 -16.36 29.75
C ASN A 359 -13.59 -16.79 30.62
N PRO A 360 -12.57 -17.41 29.99
CA PRO A 360 -11.48 -18.02 30.76
C PRO A 360 -10.43 -17.04 31.29
N TYR A 361 -10.63 -15.74 31.05
CA TYR A 361 -9.63 -14.74 31.40
C TYR A 361 -10.04 -13.79 32.54
N VAL A 362 -11.26 -13.96 33.06
CA VAL A 362 -11.77 -13.11 34.14
C VAL A 362 -11.48 -13.67 35.53
N ASN A 363 -11.66 -12.84 36.56
CA ASN A 363 -11.15 -13.12 37.91
C ASN A 363 -12.09 -13.76 38.93
N GLY A 364 -13.37 -13.88 38.60
CA GLY A 364 -14.33 -14.46 39.54
C GLY A 364 -15.33 -13.43 40.03
N ALA A 365 -14.82 -12.29 40.49
CA ALA A 365 -15.65 -11.13 40.79
C ALA A 365 -16.28 -10.64 39.50
N ALA A 366 -15.53 -10.76 38.40
CA ALA A 366 -16.02 -10.49 37.07
C ALA A 366 -16.95 -11.62 36.59
N ARG A 367 -16.61 -12.85 36.93
CA ARG A 367 -17.48 -14.00 36.63
C ARG A 367 -18.84 -13.85 37.27
N GLN A 368 -18.86 -13.47 38.55
CA GLN A 368 -20.09 -13.24 39.29
C GLN A 368 -20.92 -12.09 38.72
N ALA A 369 -20.22 -11.08 38.19
CA ALA A 369 -20.88 -9.98 37.49
C ALA A 369 -21.51 -10.47 36.19
N ILE A 370 -20.86 -11.45 35.55
CA ILE A 370 -21.38 -12.05 34.33
C ILE A 370 -22.59 -12.94 34.63
N VAL A 371 -22.50 -13.75 35.68
CA VAL A 371 -23.62 -14.63 36.06
C VAL A 371 -24.85 -13.83 36.48
N PHE A 372 -24.63 -12.68 37.13
CA PHE A 372 -25.72 -11.81 37.53
C PHE A 372 -26.36 -11.12 36.33
N GLU A 373 -25.52 -10.62 35.42
CA GLU A 373 -26.00 -9.89 34.25
C GLU A 373 -26.78 -10.79 33.29
N TYR A 374 -26.39 -12.05 33.22
CA TYR A 374 -26.95 -12.95 32.22
C TYR A 374 -27.89 -14.05 32.73
N THR A 375 -28.30 -13.96 33.99
CA THR A 375 -29.33 -14.86 34.51
C THR A 375 -30.71 -14.21 34.48
N ASP A 376 -31.71 -15.01 34.11
CA ASP A 376 -33.10 -14.57 34.10
C ASP A 376 -33.66 -14.61 35.51
N TRP A 377 -33.94 -13.44 36.08
CA TRP A 377 -34.31 -13.34 37.49
C TRP A 377 -35.79 -13.56 37.80
N THR A 378 -36.61 -13.71 36.77
CA THR A 378 -37.98 -14.18 36.95
C THR A 378 -37.97 -15.66 37.27
N GLU A 379 -36.96 -16.37 36.75
CA GLU A 379 -36.82 -17.81 36.92
C GLU A 379 -35.35 -18.23 36.76
N PRO A 380 -34.54 -18.05 37.83
CA PRO A 380 -33.08 -18.25 37.75
C PRO A 380 -32.64 -19.63 37.27
N ASP A 381 -33.34 -20.67 37.71
CA ASP A 381 -32.94 -22.05 37.44
C ASP A 381 -33.51 -22.62 36.15
N ASN A 382 -34.42 -21.90 35.51
CA ASN A 382 -35.04 -22.33 34.27
C ASN A 382 -34.01 -22.80 33.24
N PRO A 383 -34.13 -24.07 32.80
CA PRO A 383 -33.19 -24.69 31.87
C PRO A 383 -33.12 -24.01 30.50
N ASN A 384 -34.27 -23.54 30.01
CA ASN A 384 -34.33 -22.78 28.77
C ASN A 384 -33.66 -21.42 28.90
N SER A 385 -33.97 -20.71 29.99
CA SER A 385 -33.37 -19.41 30.28
C SER A 385 -31.85 -19.51 30.38
N ASN A 386 -31.37 -20.53 31.08
CA ASN A 386 -29.93 -20.74 31.27
C ASN A 386 -29.17 -21.08 30.00
N ARG A 387 -29.84 -21.73 29.04
CA ARG A 387 -29.26 -22.00 27.74
C ARG A 387 -29.15 -20.71 26.93
N ASP A 388 -30.28 -20.02 26.80
CA ASP A 388 -30.34 -18.74 26.10
C ASP A 388 -29.34 -17.74 26.68
N ALA A 389 -29.10 -17.86 27.98
CA ALA A 389 -28.12 -17.05 28.71
C ALA A 389 -26.73 -17.21 28.11
N LEU A 390 -26.37 -18.44 27.76
CA LEU A 390 -25.07 -18.73 27.15
C LEU A 390 -24.93 -18.07 25.79
N ASP A 391 -25.99 -18.14 24.98
CA ASP A 391 -26.00 -17.50 23.66
C ASP A 391 -25.75 -16.01 23.76
N LYS A 392 -26.49 -15.35 24.65
CA LYS A 392 -26.43 -13.89 24.78
C LYS A 392 -25.09 -13.37 25.29
N MET A 393 -24.49 -14.05 26.27
CA MET A 393 -23.22 -13.59 26.82
C MET A 393 -22.04 -13.76 25.86
N VAL A 394 -22.17 -14.71 24.93
CA VAL A 394 -21.20 -14.88 23.85
C VAL A 394 -21.54 -13.91 22.72
N GLY A 395 -22.81 -13.92 22.30
CA GLY A 395 -23.30 -13.09 21.20
C GLY A 395 -23.13 -11.60 21.41
N ASP A 396 -23.32 -11.15 22.66
CA ASP A 396 -23.15 -9.73 22.99
C ASP A 396 -21.68 -9.31 22.95
N TYR A 397 -20.85 -10.04 23.70
CA TYR A 397 -19.44 -9.69 23.86
C TYR A 397 -18.63 -9.76 22.56
N HIS A 398 -18.90 -10.77 21.75
CA HIS A 398 -18.12 -11.01 20.54
C HIS A 398 -18.72 -10.39 19.28
N PHE A 399 -20.01 -10.05 19.31
CA PHE A 399 -20.69 -9.59 18.09
C PHE A 399 -21.57 -8.35 18.25
N THR A 400 -22.72 -8.49 18.92
CA THR A 400 -23.72 -7.44 19.01
C THR A 400 -23.17 -6.09 19.49
N CYS A 401 -22.47 -6.11 20.62
CA CYS A 401 -22.00 -4.89 21.28
C CYS A 401 -20.94 -4.13 20.51
N ASN A 402 -20.10 -4.88 19.80
CA ASN A 402 -19.06 -4.30 18.97
C ASN A 402 -19.62 -3.62 17.74
N VAL A 403 -20.69 -4.20 17.18
CA VAL A 403 -21.43 -3.62 16.06
C VAL A 403 -22.10 -2.31 16.51
N ASN A 404 -22.69 -2.32 17.69
CA ASN A 404 -23.28 -1.13 18.31
C ASN A 404 -22.27 -0.01 18.47
N GLU A 405 -21.10 -0.35 19.03
CA GLU A 405 -20.03 0.60 19.28
C GLU A 405 -19.53 1.28 18.00
N PHE A 406 -19.30 0.47 16.96
CA PHE A 406 -18.84 0.98 15.67
C PHE A 406 -19.89 1.87 15.02
N ALA A 407 -21.16 1.48 15.15
CA ALA A 407 -22.27 2.24 14.58
C ALA A 407 -22.45 3.58 15.28
N GLN A 408 -22.25 3.60 16.59
CA GLN A 408 -22.39 4.82 17.38
C GLN A 408 -21.31 5.84 17.02
N ARG A 409 -20.05 5.40 17.06
CA ARG A 409 -18.92 6.27 16.74
C ARG A 409 -19.07 6.93 15.39
N TYR A 410 -19.48 6.16 14.38
CA TYR A 410 -19.77 6.68 13.05
C TYR A 410 -20.87 7.74 13.06
N ALA A 411 -21.90 7.51 13.88
CA ALA A 411 -23.01 8.45 14.01
C ALA A 411 -22.58 9.75 14.69
N GLU A 412 -21.89 9.64 15.82
CA GLU A 412 -21.45 10.83 16.57
C GLU A 412 -20.26 11.56 15.93
N GLU A 413 -19.77 11.05 14.81
CA GLU A 413 -18.82 11.79 13.98
C GLU A 413 -19.51 12.36 12.76
N GLY A 414 -20.84 12.41 12.82
CA GLY A 414 -21.65 13.10 11.82
C GLY A 414 -22.17 12.30 10.64
N ASN A 415 -21.91 11.00 10.62
CA ASN A 415 -22.33 10.14 9.50
C ASN A 415 -23.71 9.53 9.70
N ASN A 416 -24.40 9.29 8.59
CA ASN A 416 -25.68 8.59 8.60
C ASN A 416 -25.50 7.08 8.78
N VAL A 417 -26.13 6.54 9.82
CA VAL A 417 -26.03 5.11 10.14
C VAL A 417 -27.42 4.49 10.08
N TYR A 418 -27.49 3.26 9.57
CA TYR A 418 -28.74 2.50 9.55
C TYR A 418 -28.56 1.13 10.20
N MET A 419 -29.05 1.01 11.44
CA MET A 419 -28.90 -0.20 12.23
C MET A 419 -30.09 -1.15 12.06
N TYR A 420 -29.80 -2.44 11.98
CA TYR A 420 -30.84 -3.47 11.93
C TYR A 420 -30.68 -4.51 13.04
N LEU A 421 -31.79 -5.15 13.40
CA LEU A 421 -31.76 -6.38 14.17
C LEU A 421 -32.56 -7.43 13.39
N TYR A 422 -31.88 -8.50 12.99
CA TYR A 422 -32.47 -9.55 12.17
C TYR A 422 -33.05 -10.65 13.05
N THR A 423 -34.37 -10.81 13.01
CA THR A 423 -35.09 -11.70 13.93
C THR A 423 -35.81 -12.85 13.23
N HIS A 424 -35.42 -13.16 11.99
CA HIS A 424 -36.19 -14.09 11.17
C HIS A 424 -35.63 -15.51 11.09
N ARG A 425 -36.43 -16.47 11.56
CA ARG A 425 -36.15 -17.90 11.38
C ARG A 425 -36.76 -18.37 10.06
N SER A 426 -35.97 -19.03 9.24
CA SER A 426 -36.49 -19.71 8.05
C SER A 426 -37.28 -20.95 8.50
N LYS A 427 -38.35 -21.27 7.77
CA LYS A 427 -39.12 -22.49 8.03
C LYS A 427 -38.24 -23.72 7.81
N GLY A 428 -37.40 -23.66 6.79
CA GLY A 428 -36.55 -24.78 6.39
C GLY A 428 -35.19 -24.80 7.07
N ASN A 429 -35.07 -24.10 8.19
CA ASN A 429 -33.83 -24.11 8.97
C ASN A 429 -33.46 -25.53 9.40
N PRO A 430 -32.28 -26.02 8.96
CA PRO A 430 -31.86 -27.40 9.24
C PRO A 430 -31.42 -27.63 10.69
N TRP A 431 -31.06 -26.56 11.40
CA TRP A 431 -30.61 -26.64 12.79
C TRP A 431 -31.79 -26.82 13.75
N PRO A 432 -31.53 -27.36 14.97
CA PRO A 432 -32.53 -27.46 16.03
C PRO A 432 -33.21 -26.12 16.31
N ARG A 433 -34.49 -26.16 16.66
CA ARG A 433 -35.29 -24.93 16.79
C ARG A 433 -34.91 -24.05 17.99
N TRP A 434 -34.14 -24.60 18.93
CA TRP A 434 -33.65 -23.80 20.05
C TRP A 434 -32.51 -22.86 19.65
N THR A 435 -31.90 -23.09 18.49
CA THR A 435 -30.79 -22.26 18.01
C THR A 435 -31.28 -20.87 17.59
N GLY A 436 -32.56 -20.79 17.22
CA GLY A 436 -33.18 -19.53 16.80
C GLY A 436 -32.52 -18.94 15.57
N VAL A 437 -32.48 -17.61 15.51
CA VAL A 437 -31.86 -16.90 14.40
C VAL A 437 -30.37 -16.73 14.67
N MET A 438 -29.58 -17.64 14.11
CA MET A 438 -28.15 -17.69 14.38
C MET A 438 -27.32 -16.74 13.52
N HIS A 439 -26.02 -16.77 13.76
CA HIS A 439 -25.02 -16.05 12.98
C HIS A 439 -25.14 -16.42 11.50
N GLY A 440 -25.12 -15.41 10.63
CA GLY A 440 -25.09 -15.63 9.18
C GLY A 440 -26.40 -16.07 8.54
N ASP A 441 -27.49 -16.04 9.31
CA ASP A 441 -28.80 -16.44 8.78
C ASP A 441 -29.36 -15.47 7.75
N GLU A 442 -28.97 -14.20 7.86
CA GLU A 442 -29.45 -13.14 6.97
C GLU A 442 -28.92 -13.28 5.54
N ILE A 443 -27.77 -13.95 5.40
CA ILE A 443 -27.08 -14.08 4.12
C ILE A 443 -27.97 -14.65 3.03
N ASN A 444 -28.66 -15.75 3.32
CA ASN A 444 -29.57 -16.37 2.36
C ASN A 444 -30.57 -15.37 1.79
N TYR A 445 -30.97 -14.42 2.63
CA TYR A 445 -32.01 -13.48 2.27
C TYR A 445 -31.48 -12.24 1.53
N VAL A 446 -30.29 -11.77 1.90
CA VAL A 446 -29.67 -10.63 1.20
C VAL A 446 -29.23 -10.99 -0.22
N PHE A 447 -28.90 -12.27 -0.42
CA PHE A 447 -28.49 -12.75 -1.73
C PHE A 447 -29.65 -13.31 -2.54
N GLY A 448 -30.86 -13.20 -2.00
CA GLY A 448 -32.09 -13.59 -2.69
C GLY A 448 -32.22 -15.06 -3.00
N GLU A 449 -31.85 -15.90 -2.03
CA GLU A 449 -31.97 -17.34 -2.18
C GLU A 449 -33.41 -17.85 -2.14
N PRO A 450 -34.31 -17.18 -1.37
CA PRO A 450 -35.72 -17.58 -1.39
C PRO A 450 -36.36 -17.52 -2.78
N LEU A 451 -35.80 -16.67 -3.65
CA LEU A 451 -36.29 -16.52 -5.02
C LEU A 451 -36.07 -17.77 -5.86
N ASN A 452 -35.13 -18.62 -5.42
CA ASN A 452 -34.93 -19.93 -6.02
C ASN A 452 -36.07 -20.87 -5.62
N PRO A 453 -36.95 -21.22 -6.58
CA PRO A 453 -38.14 -22.00 -6.26
C PRO A 453 -37.87 -23.49 -5.98
N THR A 454 -36.68 -23.96 -6.34
CA THR A 454 -36.28 -25.34 -6.07
C THR A 454 -36.03 -25.56 -4.58
N LEU A 455 -35.81 -24.45 -3.86
CA LEU A 455 -35.72 -24.46 -2.41
C LEU A 455 -37.02 -23.88 -1.89
N GLY A 456 -37.82 -24.72 -1.24
CA GLY A 456 -39.20 -24.37 -0.88
C GLY A 456 -39.40 -23.32 0.19
N TYR A 457 -38.85 -22.12 -0.04
CA TYR A 457 -39.10 -20.97 0.83
C TYR A 457 -40.56 -20.52 0.69
N THR A 458 -41.15 -20.07 1.79
CA THR A 458 -42.54 -19.62 1.77
C THR A 458 -42.68 -18.32 0.98
N GLU A 459 -43.91 -18.01 0.56
CA GLU A 459 -44.18 -16.82 -0.24
C GLU A 459 -43.89 -15.54 0.54
N ASP A 460 -44.17 -15.56 1.84
CA ASP A 460 -43.85 -14.44 2.73
C ASP A 460 -42.34 -14.23 2.82
N GLU A 461 -41.60 -15.33 2.90
CA GLU A 461 -40.14 -15.31 2.94
C GLU A 461 -39.55 -14.79 1.62
N LYS A 462 -40.24 -15.10 0.52
CA LYS A 462 -39.86 -14.58 -0.80
C LYS A 462 -40.03 -13.06 -0.86
N ASP A 463 -41.13 -12.56 -0.29
CA ASP A 463 -41.35 -11.12 -0.18
C ASP A 463 -40.35 -10.47 0.77
N PHE A 464 -40.00 -11.18 1.84
CA PHE A 464 -39.05 -10.70 2.84
C PHE A 464 -37.65 -10.55 2.25
N SER A 465 -37.23 -11.52 1.43
CA SER A 465 -35.95 -11.46 0.76
C SER A 465 -35.88 -10.28 -0.19
N ARG A 466 -36.91 -10.14 -1.03
CA ARG A 466 -37.04 -9.00 -1.94
C ARG A 466 -37.03 -7.65 -1.20
N LYS A 467 -37.55 -7.66 0.02
CA LYS A 467 -37.63 -6.47 0.85
C LYS A 467 -36.26 -6.00 1.33
N ILE A 468 -35.49 -6.92 1.92
CA ILE A 468 -34.16 -6.58 2.44
C ILE A 468 -33.13 -6.46 1.32
N MET A 469 -33.41 -7.15 0.21
CA MET A 469 -32.60 -7.04 -0.99
C MET A 469 -32.71 -5.62 -1.55
N ARG A 470 -33.90 -5.04 -1.45
CA ARG A 470 -34.14 -3.66 -1.84
C ARG A 470 -33.43 -2.69 -0.89
N TYR A 471 -33.69 -2.80 0.42
CA TYR A 471 -33.03 -1.99 1.43
C TYR A 471 -31.53 -1.90 1.18
N TRP A 472 -30.91 -3.07 1.01
CA TRP A 472 -29.49 -3.20 0.76
C TRP A 472 -29.04 -2.48 -0.50
N SER A 473 -29.75 -2.73 -1.60
CA SER A 473 -29.36 -2.20 -2.91
C SER A 473 -29.52 -0.69 -3.02
N ASN A 474 -30.69 -0.17 -2.64
CA ASN A 474 -30.90 1.28 -2.72
C ASN A 474 -30.19 2.07 -1.60
N PHE A 475 -29.56 1.37 -0.66
CA PHE A 475 -28.59 2.00 0.23
C PHE A 475 -27.27 2.13 -0.53
N ALA A 476 -26.93 1.08 -1.29
CA ALA A 476 -25.73 1.07 -2.10
C ALA A 476 -25.80 2.12 -3.20
N LYS A 477 -27.03 2.40 -3.64
CA LYS A 477 -27.29 3.41 -4.65
C LYS A 477 -27.34 4.81 -4.04
N THR A 478 -28.27 5.01 -3.11
CA THR A 478 -28.61 6.35 -2.62
C THR A 478 -27.95 6.75 -1.30
N GLY A 479 -27.54 5.77 -0.49
CA GLY A 479 -26.99 6.05 0.84
C GLY A 479 -28.07 6.01 1.91
N ASN A 480 -29.25 5.53 1.51
CA ASN A 480 -30.41 5.45 2.38
C ASN A 480 -31.27 4.26 1.91
N PRO A 481 -31.57 3.32 2.84
CA PRO A 481 -32.32 2.12 2.50
C PRO A 481 -33.80 2.38 2.17
N ASN A 482 -34.35 3.48 2.71
CA ASN A 482 -35.74 3.84 2.46
C ASN A 482 -35.96 4.24 1.01
N PRO A 483 -37.10 3.79 0.41
CA PRO A 483 -37.42 4.20 -0.95
C PRO A 483 -37.83 5.68 -0.99
N ASN A 484 -37.73 6.29 -2.17
CA ASN A 484 -38.10 7.69 -2.37
C ASN A 484 -39.60 7.95 -2.15
N THR A 485 -40.44 7.00 -2.55
CA THR A 485 -41.89 7.14 -2.49
C THR A 485 -42.49 6.83 -1.11
N ALA A 486 -41.69 6.20 -0.26
CA ALA A 486 -42.13 5.75 1.09
C ALA A 486 -43.34 4.81 1.02
N SER A 487 -43.10 3.60 0.55
CA SER A 487 -44.14 2.59 0.32
C SER A 487 -44.63 1.91 1.60
N SER A 488 -45.72 1.15 1.48
CA SER A 488 -46.30 0.40 2.60
C SER A 488 -45.56 -0.93 2.82
N GLU A 489 -45.16 -1.56 1.72
CA GLU A 489 -44.40 -2.82 1.75
C GLU A 489 -42.95 -2.62 2.21
N PHE A 490 -42.46 -1.39 2.11
CA PHE A 490 -41.15 -1.02 2.65
C PHE A 490 -41.32 0.01 3.77
N PRO A 491 -41.46 -0.47 5.03
CA PRO A 491 -41.60 0.42 6.20
C PRO A 491 -40.39 1.34 6.36
N GLU A 492 -40.57 2.42 7.11
CA GLU A 492 -39.50 3.40 7.27
C GLU A 492 -38.40 2.92 8.20
N TRP A 493 -37.16 3.13 7.78
CA TRP A 493 -35.98 2.78 8.55
C TRP A 493 -35.34 4.07 9.05
N PRO A 494 -35.57 4.41 10.33
CA PRO A 494 -34.97 5.61 10.90
C PRO A 494 -33.45 5.51 10.99
N LYS A 495 -32.78 6.66 10.88
CA LYS A 495 -31.34 6.73 11.02
C LYS A 495 -30.93 6.39 12.46
N HIS A 496 -29.88 5.60 12.60
CA HIS A 496 -29.32 5.28 13.91
C HIS A 496 -28.52 6.50 14.40
N THR A 497 -29.22 7.42 15.04
CA THR A 497 -28.62 8.68 15.51
C THR A 497 -27.81 8.49 16.79
N ALA A 498 -26.86 9.40 17.01
CA ALA A 498 -25.96 9.34 18.16
C ALA A 498 -26.69 9.38 19.51
N HIS A 499 -27.84 10.06 19.54
CA HIS A 499 -28.64 10.18 20.76
C HIS A 499 -29.80 9.20 20.79
N GLY A 500 -30.50 9.07 19.66
CA GLY A 500 -31.65 8.18 19.54
C GLY A 500 -31.28 6.71 19.55
N ARG A 501 -30.30 6.35 18.71
CA ARG A 501 -29.80 4.97 18.57
C ARG A 501 -30.86 3.97 18.10
N HIS A 502 -31.72 4.43 17.19
CA HIS A 502 -32.82 3.61 16.68
C HIS A 502 -32.36 2.55 15.69
N TYR A 503 -32.93 1.35 15.83
CA TYR A 503 -32.73 0.28 14.86
C TYR A 503 -34.07 -0.19 14.31
N LEU A 504 -34.07 -0.63 13.05
CA LEU A 504 -35.23 -1.29 12.48
C LEU A 504 -35.10 -2.79 12.70
N GLU A 505 -36.17 -3.41 13.15
CA GLU A 505 -36.22 -4.87 13.26
C GLU A 505 -36.60 -5.47 11.91
N LEU A 506 -35.77 -6.39 11.42
CA LEU A 506 -36.03 -7.07 10.16
C LEU A 506 -36.64 -8.45 10.40
N GLY A 507 -37.95 -8.54 10.25
CA GLY A 507 -38.70 -9.78 10.43
C GLY A 507 -39.95 -9.79 9.57
N LEU A 508 -40.62 -10.93 9.51
CA LEU A 508 -41.76 -11.13 8.61
C LEU A 508 -42.96 -10.20 8.83
N ASN A 509 -43.35 -10.02 10.09
CA ASN A 509 -44.59 -9.34 10.42
C ASN A 509 -44.33 -8.13 11.31
N THR A 510 -43.34 -7.32 10.92
CA THR A 510 -42.91 -6.21 11.77
C THR A 510 -42.33 -5.02 11.01
N SER A 511 -42.51 -3.85 11.60
CA SER A 511 -41.85 -2.62 11.17
C SER A 511 -41.33 -1.92 12.42
N PHE A 512 -41.22 -2.69 13.51
CA PHE A 512 -40.86 -2.20 14.83
C PHE A 512 -39.52 -1.49 14.85
N VAL A 513 -39.47 -0.38 15.58
CA VAL A 513 -38.24 0.39 15.77
C VAL A 513 -37.91 0.48 17.26
N GLY A 514 -36.80 -0.12 17.65
CA GLY A 514 -36.32 -0.07 19.03
C GLY A 514 -35.07 0.77 19.15
N ARG A 515 -34.62 0.96 20.38
CA ARG A 515 -33.36 1.65 20.66
C ARG A 515 -32.32 0.64 21.13
N GLY A 516 -31.23 0.52 20.37
CA GLY A 516 -30.17 -0.42 20.72
C GLY A 516 -29.49 -1.05 19.51
N PRO A 517 -29.54 -2.39 19.39
CA PRO A 517 -30.20 -3.29 20.34
C PRO A 517 -29.34 -3.62 21.56
N ARG A 518 -30.00 -4.01 22.65
CA ARG A 518 -29.35 -4.54 23.85
C ARG A 518 -28.36 -3.56 24.48
N LEU A 519 -28.82 -2.34 24.72
CA LEU A 519 -27.97 -1.27 25.25
C LEU A 519 -27.45 -1.50 26.67
N ARG A 520 -28.24 -2.16 27.51
CA ARG A 520 -27.82 -2.40 28.90
C ARG A 520 -26.64 -3.36 28.99
N GLN A 521 -26.72 -4.45 28.24
CA GLN A 521 -25.69 -5.49 28.28
C GLN A 521 -24.42 -5.03 27.58
N CYS A 522 -24.59 -4.19 26.57
CA CYS A 522 -23.45 -3.62 25.85
C CYS A 522 -22.73 -2.58 26.68
N ALA A 523 -23.48 -1.94 27.57
CA ALA A 523 -22.90 -1.06 28.57
C ALA A 523 -22.20 -1.89 29.65
N PHE A 524 -22.71 -3.09 29.90
CA PHE A 524 -22.09 -3.99 30.88
C PHE A 524 -20.67 -4.35 30.46
N TRP A 525 -20.51 -4.75 29.20
CA TRP A 525 -19.23 -5.19 28.66
C TRP A 525 -18.26 -4.04 28.43
N LYS A 526 -18.74 -2.93 27.87
CA LYS A 526 -17.87 -1.80 27.52
C LYS A 526 -17.58 -0.86 28.69
N LYS A 527 -18.52 -0.72 29.61
CA LYS A 527 -18.37 0.25 30.71
C LYS A 527 -18.11 -0.38 32.08
N TYR A 528 -19.04 -1.20 32.56
CA TYR A 528 -18.98 -1.72 33.94
C TYR A 528 -17.89 -2.75 34.20
N LEU A 529 -17.83 -3.80 33.38
CA LEU A 529 -16.88 -4.87 33.61
C LEU A 529 -15.41 -4.44 33.53
N PRO A 530 -15.04 -3.58 32.55
CA PRO A 530 -13.66 -3.07 32.49
C PRO A 530 -13.20 -2.41 33.79
N GLN A 531 -14.02 -1.53 34.36
CA GLN A 531 -13.66 -0.85 35.60
C GLN A 531 -13.74 -1.75 36.84
N LEU A 532 -14.52 -2.83 36.75
CA LEU A 532 -14.56 -3.84 37.81
C LEU A 532 -13.31 -4.71 37.79
N VAL A 533 -12.89 -5.12 36.60
CA VAL A 533 -11.65 -5.89 36.43
C VAL A 533 -10.44 -5.04 36.84
N ALA A 534 -10.53 -3.73 36.61
CA ALA A 534 -9.51 -2.78 37.00
C ALA A 534 -9.42 -2.62 38.52
N ALA A 535 -10.56 -2.63 39.20
CA ALA A 535 -10.61 -2.47 40.65
C ALA A 535 -10.20 -3.74 41.40
N THR A 536 -10.62 -4.91 40.88
CA THR A 536 -10.40 -6.19 41.56
C THR A 536 -9.16 -6.94 41.06
N SER A 537 -8.31 -6.25 40.31
CA SER A 537 -7.09 -6.86 39.75
C SER A 537 -6.15 -7.43 40.82
N ASN A 538 -6.20 -6.85 42.01
CA ASN A 538 -5.40 -7.32 43.15
C ASN A 538 -6.28 -7.97 44.21
N ASP B 1 -17.56 23.00 -16.47
CA ASP B 1 -16.95 24.32 -16.81
C ASP B 1 -16.49 24.39 -18.26
N ASN B 2 -16.46 25.62 -18.80
CA ASN B 2 -15.93 25.87 -20.13
C ASN B 2 -14.54 26.51 -20.07
N ASP B 3 -14.04 26.70 -18.86
CA ASP B 3 -12.70 27.25 -18.63
C ASP B 3 -11.68 26.11 -18.59
N PRO B 4 -10.81 26.02 -19.62
CA PRO B 4 -9.84 24.93 -19.74
C PRO B 4 -8.86 24.85 -18.56
N LEU B 5 -8.59 25.99 -17.93
CA LEU B 5 -7.69 26.08 -16.79
C LEU B 5 -8.27 25.46 -15.52
N VAL B 6 -9.59 25.30 -15.49
CA VAL B 6 -10.25 24.60 -14.38
C VAL B 6 -10.30 23.11 -14.71
N VAL B 7 -9.94 22.29 -13.72
CA VAL B 7 -9.90 20.83 -13.88
C VAL B 7 -10.60 20.16 -12.70
N ASN B 8 -11.47 19.19 -13.01
CA ASN B 8 -12.16 18.42 -11.99
C ASN B 8 -11.37 17.18 -11.59
N THR B 9 -10.63 17.27 -10.48
CA THR B 9 -9.95 16.09 -9.93
C THR B 9 -10.94 15.24 -9.16
N ASP B 10 -10.54 14.03 -8.81
CA ASP B 10 -11.40 13.10 -8.07
C ASP B 10 -11.69 13.54 -6.62
N LYS B 11 -10.96 14.53 -6.14
CA LYS B 11 -11.22 15.07 -4.79
C LYS B 11 -11.69 16.54 -4.79
N GLY B 12 -11.86 17.10 -5.99
CA GLY B 12 -12.36 18.47 -6.11
C GLY B 12 -11.94 19.17 -7.37
N ARG B 13 -12.17 20.48 -7.43
CA ARG B 13 -11.84 21.27 -8.60
C ARG B 13 -10.66 22.19 -8.33
N ILE B 14 -9.81 22.34 -9.34
CA ILE B 14 -8.61 23.18 -9.23
C ILE B 14 -8.50 24.16 -10.40
N ARG B 15 -8.01 25.37 -10.09
CA ARG B 15 -7.74 26.38 -11.11
C ARG B 15 -6.24 26.56 -11.30
N GLY B 16 -5.79 26.45 -12.54
CA GLY B 16 -4.40 26.67 -12.89
C GLY B 16 -4.16 28.08 -13.40
N ILE B 17 -3.02 28.27 -14.05
CA ILE B 17 -2.66 29.57 -14.61
C ILE B 17 -1.78 29.39 -15.85
N THR B 18 -1.94 30.28 -16.83
CA THR B 18 -1.13 30.25 -18.04
C THR B 18 0.03 31.22 -17.92
N VAL B 19 1.24 30.70 -18.05
CA VAL B 19 2.46 31.50 -18.00
C VAL B 19 3.40 31.12 -19.15
N ASP B 20 4.47 31.91 -19.31
CA ASP B 20 5.44 31.66 -20.37
C ASP B 20 6.65 30.93 -19.83
N ALA B 21 7.18 30.01 -20.63
CA ALA B 21 8.51 29.46 -20.40
C ALA B 21 9.50 30.61 -20.63
N PRO B 22 10.69 30.54 -20.03
CA PRO B 22 11.70 31.58 -20.30
C PRO B 22 11.93 31.80 -21.79
N SER B 23 11.78 30.74 -22.58
CA SER B 23 11.92 30.80 -24.04
C SER B 23 10.89 31.72 -24.69
N GLY B 24 9.75 31.88 -24.04
CA GLY B 24 8.65 32.67 -24.57
C GLY B 24 7.41 31.81 -24.79
N LYS B 25 7.65 30.55 -25.14
CA LYS B 25 6.58 29.57 -25.41
C LYS B 25 5.69 29.38 -24.18
N LYS B 26 4.38 29.45 -24.41
CA LYS B 26 3.40 29.51 -23.32
C LYS B 26 2.88 28.14 -22.90
N VAL B 27 2.73 27.97 -21.58
CA VAL B 27 2.26 26.71 -21.00
C VAL B 27 1.24 26.94 -19.88
N ASP B 28 0.34 25.97 -19.69
CA ASP B 28 -0.59 25.98 -18.56
C ASP B 28 0.05 25.25 -17.40
N VAL B 29 0.03 25.86 -16.22
CA VAL B 29 0.64 25.26 -15.03
C VAL B 29 -0.32 25.15 -13.85
N TRP B 30 -0.22 24.05 -13.09
CA TRP B 30 -1.00 23.83 -11.88
C TRP B 30 -0.05 23.55 -10.73
N LEU B 31 0.01 24.46 -9.76
CA LEU B 31 1.02 24.41 -8.70
C LEU B 31 0.44 24.13 -7.32
N GLY B 32 0.89 23.04 -6.70
CA GLY B 32 0.51 22.72 -5.33
C GLY B 32 -0.83 22.03 -5.18
N ILE B 33 -1.10 21.06 -6.05
CA ILE B 33 -2.31 20.25 -5.96
C ILE B 33 -2.11 19.23 -4.85
N PRO B 34 -2.94 19.30 -3.77
CA PRO B 34 -2.73 18.38 -2.65
C PRO B 34 -3.13 16.95 -3.00
N TYR B 35 -2.20 16.01 -2.76
CA TYR B 35 -2.46 14.60 -3.05
C TYR B 35 -2.66 13.77 -1.79
N ALA B 36 -2.45 14.39 -0.63
CA ALA B 36 -2.56 13.70 0.65
C ALA B 36 -2.92 14.64 1.80
N GLN B 37 -3.40 14.07 2.90
CA GLN B 37 -3.59 14.80 4.15
C GLN B 37 -2.23 15.29 4.64
N PRO B 38 -2.16 16.55 5.11
CA PRO B 38 -0.93 17.06 5.72
C PRO B 38 -0.48 16.18 6.90
N PRO B 39 0.68 15.53 6.78
CA PRO B 39 1.14 14.55 7.75
C PRO B 39 1.66 15.17 9.05
N VAL B 40 0.76 15.84 9.78
CA VAL B 40 1.14 16.62 10.96
C VAL B 40 0.69 15.94 12.26
N GLY B 41 1.47 16.15 13.32
CA GLY B 41 1.15 15.65 14.65
C GLY B 41 1.09 14.14 14.75
N PRO B 42 -0.13 13.58 14.93
CA PRO B 42 -0.39 12.14 14.96
C PRO B 42 0.12 11.39 13.73
N LEU B 43 0.03 12.02 12.56
CA LEU B 43 0.38 11.36 11.30
C LEU B 43 1.87 11.43 10.93
N ARG B 44 2.68 11.98 11.83
CA ARG B 44 4.12 12.09 11.61
C ARG B 44 4.81 10.73 11.58
N PHE B 45 5.81 10.59 10.72
CA PHE B 45 6.55 9.35 10.47
C PHE B 45 5.71 8.27 9.80
N ARG B 46 4.39 8.40 9.90
CA ARG B 46 3.46 7.43 9.35
C ARG B 46 3.21 7.67 7.87
N HIS B 47 2.53 6.72 7.24
CA HIS B 47 2.21 6.77 5.82
C HIS B 47 1.23 7.90 5.49
N PRO B 48 1.13 8.28 4.20
CA PRO B 48 0.21 9.35 3.84
C PRO B 48 -1.24 8.86 3.79
N ARG B 49 -2.15 9.68 4.29
CA ARG B 49 -3.58 9.46 4.14
C ARG B 49 -4.03 10.31 2.95
N PRO B 50 -4.90 9.76 2.08
CA PRO B 50 -5.28 10.47 0.86
C PRO B 50 -5.95 11.82 1.12
N ALA B 51 -5.98 12.67 0.09
CA ALA B 51 -6.53 14.01 0.20
C ALA B 51 -8.03 13.98 0.53
N GLU B 52 -8.44 14.84 1.46
CA GLU B 52 -9.85 15.00 1.80
C GLU B 52 -10.54 15.88 0.75
N LYS B 53 -11.68 15.41 0.26
CA LYS B 53 -12.46 16.10 -0.79
C LYS B 53 -12.82 17.52 -0.38
N TRP B 54 -12.56 18.49 -1.27
CA TRP B 54 -12.80 19.91 -0.99
C TRP B 54 -13.94 20.51 -1.80
N THR B 55 -14.63 21.46 -1.17
CA THR B 55 -15.73 22.20 -1.79
C THR B 55 -15.22 23.35 -2.66
N GLY B 56 -16.01 23.73 -3.65
CA GLY B 56 -15.69 24.86 -4.53
C GLY B 56 -14.55 24.58 -5.48
N VAL B 57 -13.77 25.62 -5.79
CA VAL B 57 -12.59 25.48 -6.64
C VAL B 57 -11.34 26.03 -5.94
N LEU B 58 -10.27 25.24 -5.94
CA LEU B 58 -9.02 25.61 -5.29
C LEU B 58 -8.03 26.17 -6.31
N ASN B 59 -7.46 27.33 -6.00
CA ASN B 59 -6.46 27.95 -6.86
C ASN B 59 -5.08 27.29 -6.68
N THR B 60 -4.81 26.27 -7.49
CA THR B 60 -3.49 25.65 -7.52
C THR B 60 -2.61 26.47 -8.45
N THR B 61 -2.07 27.55 -7.90
CA THR B 61 -1.45 28.60 -8.70
C THR B 61 -0.19 29.18 -8.04
N THR B 62 0.15 28.64 -6.86
CA THR B 62 1.29 29.09 -6.09
C THR B 62 2.18 27.89 -5.76
N PRO B 63 3.52 28.01 -5.99
CA PRO B 63 4.42 26.89 -5.70
C PRO B 63 4.33 26.43 -4.25
N PRO B 64 4.17 25.11 -4.03
CA PRO B 64 3.87 24.55 -2.72
C PRO B 64 5.05 24.65 -1.75
N ASN B 65 4.75 24.46 -0.45
CA ASN B 65 5.79 24.41 0.57
C ASN B 65 6.79 23.30 0.32
N SER B 66 8.04 23.52 0.71
CA SER B 66 9.05 22.48 0.71
C SER B 66 8.99 21.76 2.05
N CYS B 67 9.22 20.45 2.04
CA CYS B 67 9.23 19.68 3.29
C CYS B 67 10.40 20.10 4.18
N VAL B 68 10.21 19.95 5.49
CA VAL B 68 11.22 20.39 6.47
C VAL B 68 12.54 19.64 6.28
N GLN B 69 13.60 20.42 6.13
CA GLN B 69 14.95 19.91 5.88
C GLN B 69 16.01 20.93 6.33
N ILE B 70 17.26 20.50 6.37
CA ILE B 70 18.38 21.39 6.66
C ILE B 70 18.72 22.27 5.46
N VAL B 71 19.20 23.48 5.73
CA VAL B 71 19.68 24.37 4.67
C VAL B 71 21.20 24.40 4.60
N ASP B 72 21.73 24.41 3.38
CA ASP B 72 23.17 24.35 3.17
C ASP B 72 23.81 25.72 3.42
N THR B 73 24.40 25.88 4.59
CA THR B 73 25.02 27.15 4.99
C THR B 73 26.55 27.03 5.00
N VAL B 74 27.06 25.87 4.57
CA VAL B 74 28.49 25.55 4.60
C VAL B 74 29.34 26.53 3.78
N PHE B 75 28.90 26.82 2.55
CA PHE B 75 29.65 27.73 1.68
C PHE B 75 28.99 29.10 1.55
N GLY B 76 28.02 29.35 2.42
CA GLY B 76 27.32 30.64 2.46
C GLY B 76 26.38 30.81 1.28
N ASP B 77 26.40 32.01 0.69
CA ASP B 77 25.52 32.34 -0.43
C ASP B 77 26.07 31.90 -1.78
N PHE B 78 27.02 30.96 -1.75
CA PHE B 78 27.62 30.41 -2.98
C PHE B 78 26.56 29.71 -3.83
N PRO B 79 26.33 30.22 -5.06
CA PRO B 79 25.28 29.74 -5.98
C PRO B 79 25.27 28.23 -6.20
N GLY B 80 26.45 27.61 -6.24
CA GLY B 80 26.56 26.17 -6.41
C GLY B 80 25.98 25.37 -5.26
N ALA B 81 25.96 25.97 -4.07
CA ALA B 81 25.38 25.35 -2.88
C ALA B 81 23.90 25.68 -2.73
N THR B 82 23.54 26.94 -2.98
CA THR B 82 22.21 27.47 -2.72
C THR B 82 21.15 27.07 -3.75
N MET B 83 21.59 26.65 -4.93
CA MET B 83 20.65 26.21 -5.97
C MET B 83 19.86 24.98 -5.55
N TRP B 84 20.42 24.22 -4.61
CA TRP B 84 19.78 23.02 -4.08
C TRP B 84 19.00 23.30 -2.80
N ASN B 85 19.23 24.48 -2.21
CA ASN B 85 18.47 24.92 -1.05
C ASN B 85 17.03 25.28 -1.41
N PRO B 86 16.07 24.92 -0.54
CA PRO B 86 14.64 25.15 -0.78
C PRO B 86 14.32 26.62 -1.06
N ASN B 87 13.46 26.85 -2.04
CA ASN B 87 13.08 28.20 -2.46
C ASN B 87 11.64 28.57 -2.12
N THR B 88 11.00 27.73 -1.31
CA THR B 88 9.66 27.98 -0.79
C THR B 88 9.67 27.70 0.71
N PRO B 89 8.72 28.29 1.47
CA PRO B 89 8.70 28.10 2.93
C PRO B 89 8.67 26.64 3.38
N LEU B 90 9.37 26.36 4.47
CA LEU B 90 9.48 25.01 5.01
C LEU B 90 8.32 24.67 5.93
N SER B 91 7.63 23.58 5.62
CA SER B 91 6.49 23.12 6.41
C SER B 91 6.35 21.61 6.32
N GLU B 92 5.77 21.01 7.37
CA GLU B 92 5.41 19.60 7.34
C GLU B 92 4.28 19.38 6.36
N ASP B 93 3.42 20.39 6.22
CA ASP B 93 2.41 20.43 5.19
C ASP B 93 3.09 20.74 3.86
N CYS B 94 3.45 19.68 3.14
CA CYS B 94 4.28 19.83 1.94
C CYS B 94 3.95 18.82 0.84
N LEU B 95 3.02 17.90 1.12
CA LEU B 95 2.67 16.85 0.18
C LEU B 95 1.77 17.36 -0.94
N TYR B 96 2.40 17.84 -2.01
CA TYR B 96 1.68 18.45 -3.14
C TYR B 96 2.27 18.01 -4.49
N ILE B 97 1.53 18.28 -5.57
CA ILE B 97 1.98 17.95 -6.92
C ILE B 97 1.93 19.20 -7.81
N ASN B 98 2.78 19.22 -8.83
CA ASN B 98 2.77 20.26 -9.84
C ASN B 98 2.59 19.66 -11.22
N VAL B 99 1.64 20.21 -11.98
CA VAL B 99 1.39 19.75 -13.36
C VAL B 99 1.64 20.89 -14.35
N VAL B 100 2.39 20.60 -15.40
CA VAL B 100 2.65 21.58 -16.46
C VAL B 100 2.34 20.97 -17.83
N ALA B 101 1.41 21.60 -18.53
CA ALA B 101 0.96 21.14 -19.84
C ALA B 101 1.28 22.19 -20.91
N PRO B 102 1.74 21.75 -22.09
CA PRO B 102 2.06 22.68 -23.17
C PRO B 102 0.82 23.28 -23.83
N ARG B 103 1.02 24.33 -24.62
CA ARG B 103 -0.05 24.91 -25.43
C ARG B 103 0.34 24.96 -26.90
N PRO B 104 -0.54 24.46 -27.79
CA PRO B 104 -1.89 23.93 -27.53
C PRO B 104 -1.89 22.68 -26.66
N ARG B 105 -2.85 22.59 -25.74
CA ARG B 105 -2.96 21.44 -24.85
C ARG B 105 -3.23 20.17 -25.66
N PRO B 106 -2.31 19.19 -25.57
CA PRO B 106 -2.39 18.03 -26.44
C PRO B 106 -3.37 16.95 -25.98
N LYS B 107 -3.75 16.10 -26.92
CA LYS B 107 -4.63 14.95 -26.70
C LYS B 107 -3.79 13.73 -26.33
N ASN B 108 -3.75 13.42 -25.03
CA ASN B 108 -2.96 12.30 -24.50
C ASN B 108 -1.53 12.21 -25.02
N ALA B 109 -0.68 13.11 -24.55
CA ALA B 109 0.75 13.07 -24.84
C ALA B 109 1.46 12.27 -23.75
N ALA B 110 2.79 12.16 -23.86
CA ALA B 110 3.60 11.47 -22.86
C ALA B 110 3.60 12.22 -21.53
N VAL B 111 3.82 11.49 -20.44
CA VAL B 111 3.88 12.09 -19.10
C VAL B 111 5.24 11.81 -18.45
N MET B 112 6.03 12.86 -18.25
CA MET B 112 7.33 12.75 -17.58
C MET B 112 7.22 13.22 -16.14
N LEU B 113 7.39 12.28 -15.21
CA LEU B 113 7.23 12.55 -13.79
C LEU B 113 8.57 12.64 -13.06
N TRP B 114 8.86 13.83 -12.51
CA TRP B 114 10.12 14.10 -11.85
C TRP B 114 10.09 13.83 -10.35
N ILE B 115 10.98 12.95 -9.91
CA ILE B 115 11.21 12.73 -8.49
C ILE B 115 12.60 13.27 -8.15
N PHE B 116 12.62 14.35 -7.39
CA PHE B 116 13.88 15.00 -7.01
C PHE B 116 14.70 14.12 -6.08
N GLY B 117 16.00 14.38 -6.04
CA GLY B 117 16.90 13.65 -5.16
C GLY B 117 17.70 14.59 -4.29
N GLY B 118 17.81 14.24 -3.01
CA GLY B 118 18.63 15.02 -2.09
C GLY B 118 19.25 14.13 -1.03
N GLY B 119 19.64 12.93 -1.42
CA GLY B 119 20.14 11.93 -0.47
C GLY B 119 19.12 11.59 0.60
N PHE B 120 17.84 11.71 0.24
CA PHE B 120 16.70 11.45 1.13
C PHE B 120 16.66 12.30 2.39
N TYR B 121 17.50 13.34 2.45
CA TYR B 121 17.50 14.27 3.58
C TYR B 121 17.07 15.69 3.18
N SER B 122 17.09 15.95 1.86
CA SER B 122 16.80 17.28 1.33
C SER B 122 16.11 17.24 -0.03
N GLY B 123 15.67 18.42 -0.48
CA GLY B 123 15.14 18.58 -1.84
C GLY B 123 13.72 19.10 -1.91
N THR B 124 13.38 19.64 -3.06
CA THR B 124 12.03 20.14 -3.34
C THR B 124 11.80 20.23 -4.85
N ALA B 125 10.56 19.98 -5.27
CA ALA B 125 10.19 20.04 -6.68
C ALA B 125 10.16 21.49 -7.19
N THR B 126 10.23 22.44 -6.26
CA THR B 126 10.05 23.86 -6.57
C THR B 126 11.33 24.58 -7.01
N LEU B 127 12.46 23.86 -7.02
CA LEU B 127 13.75 24.45 -7.39
C LEU B 127 13.76 25.01 -8.81
N ASP B 128 14.45 26.14 -8.98
CA ASP B 128 14.53 26.82 -10.27
C ASP B 128 15.24 25.98 -11.34
N VAL B 129 16.05 25.02 -10.90
CA VAL B 129 16.72 24.10 -11.81
C VAL B 129 15.77 23.04 -12.35
N TYR B 130 14.71 22.75 -11.61
CA TYR B 130 13.70 21.79 -12.04
C TYR B 130 12.53 22.45 -12.76
N ASP B 131 12.74 23.63 -13.34
CA ASP B 131 11.68 24.35 -14.04
C ASP B 131 11.11 23.52 -15.20
N HIS B 132 9.83 23.19 -15.10
CA HIS B 132 9.19 22.29 -16.06
C HIS B 132 8.88 22.96 -17.38
N ARG B 133 8.54 24.25 -17.33
CA ARG B 133 8.08 25.01 -18.48
C ARG B 133 8.86 24.72 -19.76
N ALA B 134 10.18 24.83 -19.68
CA ALA B 134 11.06 24.59 -20.82
C ALA B 134 10.92 23.17 -21.38
N LEU B 135 10.82 22.18 -20.50
CA LEU B 135 10.66 20.78 -20.93
C LEU B 135 9.32 20.52 -21.60
N ALA B 136 8.26 21.05 -21.02
CA ALA B 136 6.90 20.90 -21.56
C ALA B 136 6.73 21.65 -22.89
N SER B 137 7.21 22.89 -22.92
CA SER B 137 7.05 23.75 -24.10
C SER B 137 7.89 23.31 -25.30
N GLU B 138 9.04 22.70 -25.04
CA GLU B 138 10.01 22.40 -26.09
C GLU B 138 9.93 20.96 -26.59
N GLU B 139 9.29 20.09 -25.81
CA GLU B 139 9.20 18.67 -26.18
C GLU B 139 7.76 18.18 -26.31
N ASN B 140 6.81 19.08 -26.03
CA ASN B 140 5.37 18.79 -26.11
C ASN B 140 5.00 17.56 -25.25
N VAL B 141 5.31 17.65 -23.97
CA VAL B 141 5.10 16.57 -23.01
C VAL B 141 4.51 17.16 -21.72
N ILE B 142 3.66 16.38 -21.03
CA ILE B 142 3.16 16.77 -19.73
C ILE B 142 4.24 16.49 -18.69
N VAL B 143 4.73 17.55 -18.04
CA VAL B 143 5.78 17.41 -17.02
C VAL B 143 5.17 17.53 -15.62
N VAL B 144 5.38 16.50 -14.82
CA VAL B 144 4.81 16.43 -13.48
C VAL B 144 5.90 16.23 -12.43
N SER B 145 5.82 17.00 -11.34
CA SER B 145 6.73 16.80 -10.22
C SER B 145 5.94 16.60 -8.93
N LEU B 146 6.56 15.95 -7.96
CA LEU B 146 5.91 15.70 -6.69
C LEU B 146 6.82 16.05 -5.52
N GLN B 147 6.22 16.41 -4.40
CA GLN B 147 6.93 16.58 -3.15
C GLN B 147 6.76 15.33 -2.33
N TYR B 148 7.84 14.87 -1.72
CA TYR B 148 7.78 13.76 -0.77
C TYR B 148 8.57 14.13 0.47
N ARG B 149 8.17 13.57 1.62
CA ARG B 149 8.86 13.81 2.88
C ARG B 149 10.27 13.25 2.84
N VAL B 150 11.22 14.06 3.32
CA VAL B 150 12.63 13.70 3.36
C VAL B 150 13.11 13.64 4.81
N ALA B 151 14.34 13.16 5.00
CA ALA B 151 14.95 13.02 6.32
C ALA B 151 14.16 12.06 7.23
N SER B 152 14.28 12.24 8.54
CA SER B 152 13.59 11.39 9.51
C SER B 152 12.07 11.54 9.41
N LEU B 153 11.63 12.76 9.10
CA LEU B 153 10.21 13.06 8.93
C LEU B 153 9.57 12.21 7.83
N GLY B 154 10.40 11.62 6.99
CA GLY B 154 9.94 10.78 5.90
C GLY B 154 10.50 9.38 5.86
N PHE B 155 11.49 9.09 6.72
CA PHE B 155 12.18 7.80 6.66
C PHE B 155 12.58 7.19 8.01
N LEU B 156 12.08 7.75 9.11
CA LEU B 156 12.36 7.20 10.44
C LEU B 156 11.81 5.78 10.58
N PHE B 157 12.64 4.87 11.07
CA PHE B 157 12.23 3.48 11.26
C PHE B 157 12.56 2.97 12.66
N LEU B 158 11.59 2.32 13.29
CA LEU B 158 11.78 1.68 14.59
C LEU B 158 11.22 0.26 14.67
N GLY B 159 10.60 -0.20 13.58
CA GLY B 159 9.97 -1.51 13.57
C GLY B 159 8.51 -1.45 14.01
N THR B 160 8.21 -0.50 14.88
CA THR B 160 6.83 -0.23 15.34
C THR B 160 5.94 0.24 14.19
N PRO B 161 4.61 0.05 14.32
CA PRO B 161 3.70 0.56 13.29
C PRO B 161 3.59 2.08 13.32
N GLU B 162 3.95 2.69 14.45
CA GLU B 162 3.94 4.14 14.60
C GLU B 162 5.17 4.78 13.97
N ALA B 163 6.17 3.95 13.67
CA ALA B 163 7.35 4.35 12.91
C ALA B 163 7.72 3.25 11.91
N PRO B 164 6.89 3.08 10.87
CA PRO B 164 7.05 1.95 9.94
C PRO B 164 8.12 2.16 8.87
N GLY B 165 8.62 3.39 8.74
CA GLY B 165 9.63 3.72 7.74
C GLY B 165 9.09 3.82 6.32
N ASN B 166 9.92 4.31 5.41
CA ASN B 166 9.58 4.48 3.99
C ASN B 166 8.40 5.41 3.72
N ALA B 167 8.05 6.24 4.71
CA ALA B 167 6.95 7.19 4.58
C ALA B 167 7.08 8.02 3.31
N GLY B 168 8.29 8.50 3.03
CA GLY B 168 8.57 9.27 1.83
C GLY B 168 8.32 8.52 0.52
N LEU B 169 8.53 7.21 0.55
CA LEU B 169 8.30 6.37 -0.63
C LEU B 169 6.82 6.12 -0.87
N PHE B 170 6.06 5.98 0.22
CA PHE B 170 4.61 5.87 0.12
C PHE B 170 3.97 7.19 -0.31
N ASP B 171 4.60 8.30 0.10
CA ASP B 171 4.24 9.63 -0.41
C ASP B 171 4.37 9.64 -1.94
N GLN B 172 5.52 9.17 -2.43
CA GLN B 172 5.78 9.10 -3.86
C GLN B 172 4.77 8.22 -4.58
N ASN B 173 4.48 7.07 -3.96
CA ASN B 173 3.54 6.09 -4.49
C ASN B 173 2.12 6.65 -4.59
N LEU B 174 1.64 7.27 -3.51
CA LEU B 174 0.32 7.87 -3.49
C LEU B 174 0.19 8.94 -4.58
N ALA B 175 1.25 9.71 -4.76
CA ALA B 175 1.31 10.73 -5.81
C ALA B 175 1.27 10.12 -7.20
N LEU B 176 1.85 8.92 -7.35
CA LEU B 176 1.83 8.19 -8.61
C LEU B 176 0.43 7.71 -8.95
N ARG B 177 -0.32 7.29 -7.93
CA ARG B 177 -1.72 6.90 -8.09
C ARG B 177 -2.59 8.09 -8.44
N TRP B 178 -2.30 9.24 -7.84
CA TRP B 178 -2.98 10.48 -8.21
C TRP B 178 -2.81 10.76 -9.70
N VAL B 179 -1.57 10.62 -10.18
CA VAL B 179 -1.24 10.91 -11.58
C VAL B 179 -1.97 9.97 -12.52
N ARG B 180 -2.00 8.68 -12.19
CA ARG B 180 -2.73 7.69 -12.98
C ARG B 180 -4.22 8.03 -13.06
N ASP B 181 -4.78 8.47 -11.95
CA ASP B 181 -6.20 8.80 -11.86
C ASP B 181 -6.59 10.10 -12.58
N ASN B 182 -5.68 11.07 -12.62
CA ASN B 182 -6.03 12.42 -13.04
C ASN B 182 -5.37 12.97 -14.31
N ILE B 183 -4.21 12.43 -14.67
CA ILE B 183 -3.39 13.04 -15.73
C ILE B 183 -4.06 13.15 -17.11
N HIS B 184 -5.11 12.36 -17.32
CA HIS B 184 -5.88 12.43 -18.56
C HIS B 184 -6.65 13.75 -18.66
N ARG B 185 -7.10 14.24 -17.51
CA ARG B 185 -7.83 15.51 -17.42
C ARG B 185 -6.94 16.70 -17.77
N PHE B 186 -5.63 16.52 -17.67
CA PHE B 186 -4.65 17.57 -17.96
C PHE B 186 -4.12 17.47 -19.39
N GLY B 187 -4.48 16.39 -20.09
CA GLY B 187 -4.09 16.20 -21.48
C GLY B 187 -2.93 15.24 -21.66
N GLY B 188 -2.76 14.34 -20.70
CA GLY B 188 -1.68 13.35 -20.75
C GLY B 188 -2.18 11.93 -20.83
N ASP B 189 -1.34 11.03 -21.33
CA ASP B 189 -1.68 9.62 -21.47
C ASP B 189 -1.22 8.83 -20.24
N PRO B 190 -2.17 8.30 -19.44
CA PRO B 190 -1.87 7.59 -18.19
C PRO B 190 -1.03 6.33 -18.39
N SER B 191 -1.13 5.72 -19.57
CA SER B 191 -0.33 4.53 -19.90
C SER B 191 1.12 4.90 -20.23
N ARG B 192 1.32 6.11 -20.76
CA ARG B 192 2.65 6.59 -21.16
C ARG B 192 3.34 7.43 -20.08
N VAL B 193 3.14 7.05 -18.82
CA VAL B 193 3.79 7.72 -17.69
C VAL B 193 5.22 7.20 -17.52
N THR B 194 6.18 8.11 -17.62
CA THR B 194 7.59 7.80 -17.46
C THR B 194 8.14 8.49 -16.22
N LEU B 195 8.71 7.70 -15.31
CA LEU B 195 9.37 8.25 -14.12
C LEU B 195 10.81 8.62 -14.46
N PHE B 196 11.25 9.79 -13.98
CA PHE B 196 12.65 10.17 -14.10
C PHE B 196 13.15 10.96 -12.89
N GLY B 197 14.32 10.57 -12.40
CA GLY B 197 14.91 11.17 -11.21
C GLY B 197 16.43 11.21 -11.24
N GLU B 198 17.00 11.89 -10.24
CA GLU B 198 18.45 12.04 -10.14
C GLU B 198 18.89 11.71 -8.72
N SER B 199 20.06 11.08 -8.60
CA SER B 199 20.62 10.67 -7.30
C SER B 199 19.62 9.83 -6.50
N ALA B 200 19.17 10.37 -5.36
CA ALA B 200 18.18 9.69 -4.51
C ALA B 200 16.84 9.56 -5.22
N GLY B 201 16.53 10.53 -6.08
CA GLY B 201 15.34 10.51 -6.90
C GLY B 201 15.38 9.38 -7.90
N ALA B 202 16.56 9.15 -8.48
CA ALA B 202 16.78 8.02 -9.37
C ALA B 202 16.70 6.70 -8.60
N VAL B 203 17.24 6.68 -7.39
CA VAL B 203 17.14 5.52 -6.50
C VAL B 203 15.66 5.22 -6.22
N SER B 204 14.89 6.28 -5.99
CA SER B 204 13.45 6.18 -5.80
C SER B 204 12.78 5.55 -7.03
N VAL B 205 13.06 6.12 -8.20
CA VAL B 205 12.54 5.61 -9.48
C VAL B 205 12.78 4.10 -9.62
N SER B 206 13.99 3.66 -9.29
CA SER B 206 14.37 2.26 -9.34
C SER B 206 13.57 1.41 -8.36
N LEU B 207 13.34 1.96 -7.16
CA LEU B 207 12.54 1.28 -6.14
C LEU B 207 11.07 1.14 -6.55
N HIS B 208 10.63 1.96 -7.51
CA HIS B 208 9.28 1.83 -8.06
C HIS B 208 9.21 0.75 -9.15
N LEU B 209 10.33 0.55 -9.84
CA LEU B 209 10.48 -0.56 -10.79
C LEU B 209 10.54 -1.90 -10.06
N LEU B 210 10.93 -1.85 -8.79
CA LEU B 210 11.04 -3.04 -7.95
C LEU B 210 9.78 -3.31 -7.15
N SER B 211 9.18 -2.24 -6.60
CA SER B 211 8.12 -2.37 -5.61
C SER B 211 6.88 -3.12 -6.08
N ALA B 212 6.30 -3.86 -5.16
CA ALA B 212 5.04 -4.58 -5.39
C ALA B 212 3.89 -3.60 -5.64
N LEU B 213 3.92 -2.48 -4.92
CA LEU B 213 2.83 -1.50 -4.94
C LEU B 213 2.86 -0.56 -6.15
N SER B 214 4.01 0.05 -6.41
CA SER B 214 4.14 1.01 -7.51
C SER B 214 4.27 0.33 -8.87
N ARG B 215 4.28 -1.01 -8.86
CA ARG B 215 4.52 -1.85 -10.02
C ARG B 215 3.78 -1.43 -11.31
N ASP B 216 2.47 -1.34 -11.23
CA ASP B 216 1.61 -1.15 -12.42
C ASP B 216 1.25 0.31 -12.69
N LEU B 217 1.80 1.22 -11.89
CA LEU B 217 1.39 2.64 -11.90
C LEU B 217 2.01 3.49 -13.00
N PHE B 218 3.10 2.99 -13.60
CA PHE B 218 3.84 3.72 -14.63
C PHE B 218 4.32 2.78 -15.72
N GLN B 219 4.80 3.36 -16.82
CA GLN B 219 5.38 2.56 -17.91
C GLN B 219 6.90 2.49 -17.79
N ARG B 220 7.58 3.53 -18.25
CA ARG B 220 9.06 3.52 -18.36
C ARG B 220 9.76 4.26 -17.23
N ALA B 221 11.10 4.24 -17.26
CA ALA B 221 11.92 4.87 -16.23
C ALA B 221 13.20 5.47 -16.78
N ILE B 222 13.57 6.64 -16.27
CA ILE B 222 14.88 7.24 -16.51
C ILE B 222 15.58 7.41 -15.16
N LEU B 223 16.84 7.00 -15.10
CA LEU B 223 17.59 6.99 -13.84
C LEU B 223 18.95 7.70 -13.98
N GLN B 224 19.02 8.91 -13.44
CA GLN B 224 20.24 9.71 -13.55
C GLN B 224 21.10 9.59 -12.29
N SER B 225 22.27 8.98 -12.44
CA SER B 225 23.27 8.84 -11.36
C SER B 225 22.67 8.26 -10.07
N GLY B 226 22.00 7.12 -10.18
CA GLY B 226 21.40 6.46 -9.03
C GLY B 226 20.80 5.11 -9.36
N SER B 227 20.90 4.18 -8.40
CA SER B 227 20.33 2.84 -8.53
C SER B 227 20.19 2.21 -7.13
N PRO B 228 19.27 1.23 -6.97
CA PRO B 228 18.92 0.76 -5.64
C PRO B 228 19.99 -0.11 -4.99
N THR B 229 21.02 -0.46 -5.77
CA THR B 229 22.13 -1.28 -5.27
C THR B 229 23.25 -0.44 -4.66
N ALA B 230 23.12 0.89 -4.76
CA ALA B 230 24.07 1.82 -4.15
C ALA B 230 24.15 1.63 -2.64
N PRO B 231 25.36 1.76 -2.06
CA PRO B 231 25.57 1.49 -0.63
C PRO B 231 24.78 2.40 0.31
N TRP B 232 24.41 3.56 -0.20
CA TRP B 232 23.84 4.58 0.64
C TRP B 232 22.39 4.65 0.46
N ALA B 233 21.80 3.62 -0.12
CA ALA B 233 20.43 3.68 -0.53
C ALA B 233 19.54 2.86 0.32
N LEU B 234 19.98 2.45 1.50
CA LEU B 234 19.19 1.58 2.31
C LEU B 234 19.95 1.18 3.54
N VAL B 235 19.22 0.80 4.58
CA VAL B 235 19.87 0.35 5.78
C VAL B 235 19.24 -0.88 6.39
N SER B 236 20.01 -1.57 7.20
CA SER B 236 19.52 -2.73 7.85
C SER B 236 18.41 -2.27 8.73
N ARG B 237 17.29 -2.97 8.76
CA ARG B 237 16.23 -2.63 9.69
C ARG B 237 16.81 -2.52 11.09
N GLU B 238 17.95 -3.14 11.28
CA GLU B 238 18.55 -3.22 12.58
C GLU B 238 19.30 -1.96 12.88
N GLU B 239 19.83 -1.34 11.85
CA GLU B 239 20.55 -0.11 12.03
C GLU B 239 19.52 0.96 12.15
N ALA B 240 18.73 1.09 11.11
CA ALA B 240 17.71 2.14 11.08
C ALA B 240 17.09 2.40 12.45
N THR B 241 16.82 1.32 13.19
CA THR B 241 16.30 1.40 14.55
C THR B 241 17.28 2.12 15.49
N LEU B 242 18.57 1.82 15.34
CA LEU B 242 19.61 2.42 16.16
C LEU B 242 19.82 3.90 15.81
N ARG B 243 19.73 4.22 14.53
CA ARG B 243 19.80 5.61 14.05
C ARG B 243 18.66 6.44 14.63
N ALA B 244 17.46 5.86 14.62
CA ALA B 244 16.27 6.49 15.18
C ALA B 244 16.42 6.75 16.66
N LEU B 245 16.85 5.72 17.40
CA LEU B 245 17.10 5.81 18.84
C LEU B 245 18.25 6.76 19.18
N ARG B 246 19.20 6.87 18.26
CA ARG B 246 20.32 7.82 18.41
C ARG B 246 19.80 9.25 18.28
N LEU B 247 18.89 9.47 17.33
CA LEU B 247 18.23 10.76 17.15
C LEU B 247 17.33 11.09 18.34
N ALA B 248 16.58 10.09 18.80
CA ALA B 248 15.72 10.23 19.98
C ALA B 248 16.51 10.68 21.20
N GLU B 249 17.71 10.13 21.36
CA GLU B 249 18.61 10.51 22.44
C GLU B 249 19.16 11.93 22.26
N ALA B 250 19.54 12.24 21.03
CA ALA B 250 20.14 13.54 20.70
C ALA B 250 19.15 14.69 20.87
N VAL B 251 17.90 14.48 20.48
CA VAL B 251 16.86 15.49 20.59
C VAL B 251 16.42 15.69 22.05
N GLY B 252 16.70 14.69 22.89
CA GLY B 252 16.48 14.80 24.33
C GLY B 252 15.33 13.96 24.88
N CYS B 253 15.13 12.78 24.30
CA CYS B 253 14.00 11.92 24.67
C CYS B 253 14.39 10.47 24.90
N PRO B 254 13.48 9.66 25.50
CA PRO B 254 13.78 8.26 25.82
C PRO B 254 14.26 7.46 24.61
N HIS B 255 15.44 6.89 24.76
CA HIS B 255 16.10 6.10 23.76
C HIS B 255 16.14 4.67 24.22
N GLU B 256 14.97 4.09 24.48
CA GLU B 256 14.90 2.75 25.06
C GLU B 256 14.41 1.70 24.08
N PRO B 257 15.22 0.65 23.84
CA PRO B 257 14.83 -0.46 22.97
C PRO B 257 13.68 -1.28 23.55
N SER B 258 13.49 -1.19 24.87
CA SER B 258 12.41 -1.89 25.58
C SER B 258 11.04 -1.44 25.07
N LYS B 259 10.76 -0.15 25.14
CA LYS B 259 9.55 0.40 24.53
C LYS B 259 9.85 1.57 23.60
N LEU B 260 9.61 1.34 22.31
CA LEU B 260 9.88 2.31 21.26
C LEU B 260 8.72 3.31 21.15
N SER B 261 7.54 2.89 21.59
CA SER B 261 6.33 3.73 21.54
C SER B 261 6.45 5.00 22.37
N ASP B 262 7.27 4.95 23.43
CA ASP B 262 7.55 6.14 24.24
C ASP B 262 8.42 7.15 23.50
N ALA B 263 9.27 6.65 22.61
CA ALA B 263 10.16 7.50 21.81
C ALA B 263 9.43 8.17 20.66
N VAL B 264 8.68 7.39 19.89
CA VAL B 264 7.88 7.89 18.77
C VAL B 264 6.92 8.98 19.23
N GLU B 265 6.34 8.79 20.42
CA GLU B 265 5.46 9.77 21.05
C GLU B 265 6.10 11.14 21.18
N CYS B 266 7.30 11.17 21.77
CA CYS B 266 8.04 12.42 21.94
C CYS B 266 8.44 13.05 20.61
N LEU B 267 9.03 12.24 19.75
CA LEU B 267 9.50 12.70 18.44
C LEU B 267 8.38 13.40 17.67
N ARG B 268 7.15 12.91 17.84
CA ARG B 268 5.97 13.53 17.27
C ARG B 268 5.65 14.88 17.90
N GLY B 269 6.16 15.10 19.12
CA GLY B 269 5.93 16.35 19.85
C GLY B 269 7.04 17.39 19.70
N LYS B 270 8.18 16.96 19.15
CA LYS B 270 9.32 17.87 18.96
C LYS B 270 9.19 18.71 17.69
N ASP B 271 9.90 19.84 17.65
CA ASP B 271 9.92 20.72 16.48
C ASP B 271 10.58 20.01 15.29
N PRO B 272 9.97 20.12 14.09
CA PRO B 272 10.48 19.42 12.91
C PRO B 272 11.89 19.86 12.50
N HIS B 273 12.19 21.16 12.64
CA HIS B 273 13.52 21.68 12.33
C HIS B 273 14.55 21.14 13.31
N VAL B 274 14.17 21.02 14.57
CA VAL B 274 15.02 20.45 15.62
C VAL B 274 15.35 18.98 15.28
N LEU B 275 14.38 18.26 14.75
CA LEU B 275 14.58 16.87 14.35
C LEU B 275 15.59 16.71 13.21
N VAL B 276 15.40 17.48 12.14
CA VAL B 276 16.25 17.36 10.94
C VAL B 276 17.68 17.89 11.17
N ASN B 277 17.85 18.76 12.15
CA ASN B 277 19.15 19.36 12.45
C ASN B 277 20.01 18.56 13.44
N ASN B 278 19.49 17.41 13.90
CA ASN B 278 20.23 16.57 14.84
C ASN B 278 20.43 15.13 14.35
N GLU B 279 20.13 14.89 13.09
CA GLU B 279 20.25 13.56 12.47
C GLU B 279 21.69 13.19 12.16
N TRP B 280 22.52 14.21 11.99
CA TRP B 280 23.91 14.02 11.55
C TRP B 280 24.86 13.94 12.74
N GLY B 281 25.71 12.92 12.74
CA GLY B 281 26.70 12.73 13.79
C GLY B 281 27.91 11.97 13.29
N THR B 282 27.95 10.68 13.59
CA THR B 282 29.05 9.82 13.13
C THR B 282 28.68 9.11 11.82
N LEU B 283 28.94 9.80 10.72
CA LEU B 283 28.64 9.27 9.38
C LEU B 283 29.78 9.54 8.41
N GLY B 284 30.22 8.48 7.74
CA GLY B 284 31.27 8.59 6.72
C GLY B 284 30.78 9.29 5.47
N ILE B 285 31.64 9.33 4.45
CA ILE B 285 31.27 9.95 3.17
C ILE B 285 30.16 9.14 2.49
N CYS B 286 29.25 9.85 1.82
CA CYS B 286 28.17 9.23 1.06
C CYS B 286 27.34 8.21 1.82
N GLU B 287 27.07 8.49 3.09
CA GLU B 287 26.08 7.72 3.84
C GLU B 287 25.16 8.65 4.62
N PHE B 288 23.86 8.46 4.40
CA PHE B 288 22.84 9.38 4.90
C PHE B 288 22.03 8.75 6.03
N PRO B 289 21.70 9.55 7.07
CA PRO B 289 21.17 9.02 8.33
C PRO B 289 19.80 8.35 8.21
N PHE B 290 18.93 8.87 7.35
CA PHE B 290 17.59 8.32 7.20
C PHE B 290 17.22 8.13 5.74
N VAL B 291 17.20 6.85 5.35
CA VAL B 291 16.99 6.44 3.96
C VAL B 291 15.94 5.32 3.91
N PRO B 292 15.57 4.86 2.70
CA PRO B 292 14.68 3.71 2.56
C PRO B 292 15.16 2.46 3.31
N VAL B 293 14.20 1.61 3.68
CA VAL B 293 14.47 0.38 4.40
C VAL B 293 13.50 -0.70 3.91
N VAL B 294 13.95 -1.95 3.90
CA VAL B 294 13.10 -3.08 3.54
C VAL B 294 12.07 -3.33 4.66
N ASP B 295 10.81 -3.02 4.37
CA ASP B 295 9.75 -2.97 5.38
C ASP B 295 8.76 -4.14 5.32
N GLY B 296 8.64 -4.76 4.15
CA GLY B 296 7.69 -5.85 3.93
C GLY B 296 6.51 -5.44 3.06
N ALA B 297 6.14 -4.17 3.15
CA ALA B 297 5.01 -3.63 2.41
C ALA B 297 5.42 -3.05 1.06
N PHE B 298 6.27 -2.03 1.08
CA PHE B 298 6.76 -1.40 -0.14
C PHE B 298 7.82 -2.29 -0.80
N LEU B 299 8.74 -2.79 0.01
CA LEU B 299 9.72 -3.78 -0.42
C LEU B 299 9.79 -4.88 0.64
N ASP B 300 9.66 -6.12 0.20
CA ASP B 300 9.72 -7.27 1.10
C ASP B 300 11.09 -7.96 1.08
N GLU B 301 11.96 -7.46 0.20
CA GLU B 301 13.32 -8.00 0.05
C GLU B 301 14.29 -6.89 -0.36
N THR B 302 15.57 -7.09 -0.04
CA THR B 302 16.64 -6.17 -0.45
C THR B 302 16.71 -6.11 -1.98
N PRO B 303 16.99 -4.92 -2.54
CA PRO B 303 17.16 -4.79 -3.99
C PRO B 303 18.18 -5.76 -4.58
N GLN B 304 19.10 -6.24 -3.73
CA GLN B 304 20.08 -7.26 -4.12
C GLN B 304 19.41 -8.57 -4.51
N ARG B 305 18.69 -9.17 -3.55
CA ARG B 305 17.93 -10.40 -3.76
C ARG B 305 16.86 -10.23 -4.84
N SER B 306 16.31 -9.02 -4.93
CA SER B 306 15.30 -8.69 -5.94
C SER B 306 15.90 -8.65 -7.35
N LEU B 307 17.08 -8.04 -7.48
CA LEU B 307 17.78 -8.00 -8.76
C LEU B 307 18.31 -9.37 -9.16
N ALA B 308 18.78 -10.13 -8.18
CA ALA B 308 19.34 -11.47 -8.40
C ALA B 308 18.31 -12.42 -9.01
N SER B 309 17.10 -12.42 -8.44
CA SER B 309 16.02 -13.29 -8.91
C SER B 309 15.51 -12.88 -10.29
N GLY B 310 15.13 -11.60 -10.43
CA GLY B 310 14.59 -11.09 -11.69
C GLY B 310 13.22 -10.47 -11.51
N ARG B 311 12.86 -10.20 -10.26
CA ARG B 311 11.57 -9.60 -9.94
C ARG B 311 11.62 -8.08 -10.10
N PHE B 312 11.42 -7.62 -11.33
CA PHE B 312 11.31 -6.18 -11.62
C PHE B 312 10.63 -5.93 -12.97
N LYS B 313 9.98 -4.77 -13.08
CA LYS B 313 9.26 -4.38 -14.30
C LYS B 313 10.05 -4.66 -15.57
N LYS B 314 9.39 -5.27 -16.55
CA LYS B 314 10.01 -5.51 -17.85
C LYS B 314 9.75 -4.32 -18.76
N THR B 315 10.58 -3.29 -18.63
CA THR B 315 10.42 -2.06 -19.39
C THR B 315 11.75 -1.50 -19.88
N GLU B 316 11.67 -0.52 -20.79
CA GLU B 316 12.84 0.21 -21.27
C GLU B 316 13.44 1.07 -20.17
N ILE B 317 14.76 1.27 -20.22
CA ILE B 317 15.48 2.06 -19.22
C ILE B 317 16.53 2.96 -19.86
N LEU B 318 16.50 4.23 -19.47
CA LEU B 318 17.52 5.19 -19.88
C LEU B 318 18.23 5.67 -18.61
N THR B 319 19.45 5.21 -18.42
CA THR B 319 20.21 5.50 -17.20
C THR B 319 21.64 5.91 -17.54
N GLY B 320 22.36 6.46 -16.57
CA GLY B 320 23.75 6.86 -16.79
C GLY B 320 24.42 7.59 -15.65
N SER B 321 25.67 7.99 -15.88
CA SER B 321 26.50 8.62 -14.85
C SER B 321 27.29 9.80 -15.43
N ASN B 322 27.75 10.68 -14.54
CA ASN B 322 28.67 11.75 -14.92
C ASN B 322 30.11 11.31 -14.67
N THR B 323 31.06 12.04 -15.25
CA THR B 323 32.48 11.67 -15.17
C THR B 323 33.08 11.83 -13.78
N GLU B 324 32.74 12.92 -13.10
CA GLU B 324 33.26 13.18 -11.76
C GLU B 324 32.15 13.19 -10.72
N GLU B 325 31.70 12.00 -10.34
CA GLU B 325 30.60 11.86 -9.39
C GLU B 325 31.01 12.18 -7.96
N GLY B 326 32.19 11.68 -7.58
CA GLY B 326 32.68 11.76 -6.20
C GLY B 326 32.95 13.15 -5.65
N TYR B 327 33.59 14.00 -6.46
CA TYR B 327 34.06 15.32 -6.01
C TYR B 327 33.09 16.08 -5.10
N TYR B 328 31.84 16.22 -5.55
CA TYR B 328 30.80 16.93 -4.80
C TYR B 328 30.76 16.51 -3.33
N PHE B 329 30.77 15.20 -3.08
CA PHE B 329 30.65 14.67 -1.74
C PHE B 329 31.97 14.75 -0.96
N ILE B 330 33.09 14.74 -1.68
CA ILE B 330 34.40 14.90 -1.07
C ILE B 330 34.68 16.36 -0.72
N ILE B 331 33.99 17.27 -1.39
CA ILE B 331 34.12 18.70 -1.08
C ILE B 331 33.52 19.03 0.29
N TYR B 332 32.41 18.36 0.61
CA TYR B 332 31.67 18.61 1.85
C TYR B 332 32.23 17.84 3.04
N TYR B 333 32.25 16.51 2.92
CA TYR B 333 33.03 15.65 3.82
C TYR B 333 34.47 15.90 3.43
N LEU B 334 35.42 15.71 4.35
CA LEU B 334 36.84 15.85 4.04
C LEU B 334 37.14 17.27 3.50
N THR B 335 36.88 18.26 4.35
CA THR B 335 36.79 19.65 3.92
C THR B 335 38.07 20.49 4.07
N GLU B 336 38.99 20.03 4.91
CA GLU B 336 40.27 20.73 5.11
C GLU B 336 41.17 20.54 3.89
N LEU B 337 41.33 19.28 3.47
CA LEU B 337 41.89 18.95 2.17
C LEU B 337 40.80 19.15 1.13
N LEU B 338 41.19 19.54 -0.09
CA LEU B 338 40.25 19.71 -1.21
C LEU B 338 39.27 20.87 -0.99
N ARG B 339 39.82 22.06 -0.78
CA ARG B 339 39.04 23.27 -0.51
C ARG B 339 38.34 23.80 -1.75
N LYS B 340 37.29 24.60 -1.54
CA LYS B 340 36.55 25.21 -2.64
C LYS B 340 37.34 26.40 -3.20
N GLU B 341 38.37 26.09 -3.99
CA GLU B 341 39.25 27.09 -4.59
C GLU B 341 39.94 26.48 -5.81
N GLU B 342 40.46 27.35 -6.68
CA GLU B 342 41.06 26.93 -7.94
C GLU B 342 42.41 26.22 -7.75
N GLY B 343 42.69 25.27 -8.65
CA GLY B 343 43.98 24.59 -8.73
C GLY B 343 44.45 23.84 -7.48
N VAL B 344 43.52 23.23 -6.76
CA VAL B 344 43.87 22.42 -5.59
C VAL B 344 44.43 21.08 -6.04
N THR B 345 45.32 20.51 -5.21
CA THR B 345 45.99 19.24 -5.53
C THR B 345 46.24 18.39 -4.28
N VAL B 346 46.38 17.08 -4.48
CA VAL B 346 46.57 16.14 -3.39
C VAL B 346 47.91 15.43 -3.52
N THR B 347 48.72 15.49 -2.46
CA THR B 347 50.01 14.78 -2.43
C THR B 347 49.78 13.30 -2.17
N ARG B 348 50.71 12.47 -2.64
CA ARG B 348 50.62 11.01 -2.48
C ARG B 348 50.37 10.59 -1.03
N GLU B 349 51.00 11.30 -0.10
CA GLU B 349 50.84 11.03 1.33
C GLU B 349 49.42 11.39 1.81
N GLU B 350 48.90 12.52 1.32
CA GLU B 350 47.54 12.95 1.63
C GLU B 350 46.52 11.98 1.05
N PHE B 351 46.81 11.50 -0.17
CA PHE B 351 45.96 10.51 -0.85
C PHE B 351 45.91 9.19 -0.09
N LEU B 352 47.05 8.76 0.45
CA LEU B 352 47.12 7.56 1.28
C LEU B 352 46.29 7.71 2.56
N GLN B 353 46.22 8.92 3.09
CA GLN B 353 45.37 9.21 4.25
C GLN B 353 43.89 9.28 3.88
N ALA B 354 43.60 9.75 2.67
CA ALA B 354 42.23 9.92 2.22
C ALA B 354 41.53 8.57 2.00
N VAL B 355 42.24 7.64 1.36
CA VAL B 355 41.69 6.29 1.12
C VAL B 355 41.32 5.60 2.43
N ARG B 356 41.99 5.98 3.51
CA ARG B 356 41.71 5.47 4.85
C ARG B 356 40.41 6.07 5.37
N GLU B 357 40.24 7.38 5.17
CA GLU B 357 39.08 8.10 5.67
C GLU B 357 37.82 7.85 4.85
N LEU B 358 37.99 7.69 3.54
CA LEU B 358 36.86 7.51 2.63
C LEU B 358 36.36 6.06 2.58
N ASN B 359 37.19 5.12 3.03
CA ASN B 359 36.77 3.73 3.20
C ASN B 359 37.08 3.25 4.62
N PRO B 360 36.35 3.77 5.62
CA PRO B 360 36.72 3.54 7.02
C PRO B 360 36.40 2.14 7.54
N TYR B 361 35.77 1.31 6.71
CA TYR B 361 35.27 0.00 7.18
C TYR B 361 36.10 -1.19 6.71
N VAL B 362 37.04 -0.96 5.80
CA VAL B 362 37.85 -2.05 5.23
C VAL B 362 39.13 -2.34 6.01
N ASN B 363 39.64 -3.56 5.87
CA ASN B 363 40.66 -4.11 6.76
C ASN B 363 42.10 -3.59 6.63
N GLY B 364 42.50 -3.14 5.45
CA GLY B 364 43.88 -2.70 5.25
C GLY B 364 44.58 -3.41 4.13
N ALA B 365 44.28 -4.71 3.98
CA ALA B 365 44.66 -5.44 2.78
C ALA B 365 43.79 -4.96 1.64
N ALA B 366 42.55 -4.59 1.99
CA ALA B 366 41.60 -4.00 1.05
C ALA B 366 42.03 -2.59 0.66
N ARG B 367 42.55 -1.83 1.61
CA ARG B 367 43.08 -0.50 1.35
C ARG B 367 44.25 -0.56 0.37
N GLN B 368 45.09 -1.58 0.50
CA GLN B 368 46.21 -1.81 -0.41
C GLN B 368 45.73 -2.12 -1.82
N ALA B 369 44.57 -2.79 -1.92
CA ALA B 369 43.93 -3.05 -3.20
C ALA B 369 43.34 -1.77 -3.79
N ILE B 370 42.84 -0.89 -2.93
CA ILE B 370 42.27 0.38 -3.35
C ILE B 370 43.36 1.36 -3.81
N VAL B 371 44.44 1.47 -3.03
CA VAL B 371 45.55 2.35 -3.40
C VAL B 371 46.18 1.91 -4.73
N PHE B 372 46.17 0.61 -4.98
CA PHE B 372 46.70 0.04 -6.22
C PHE B 372 45.74 0.23 -7.39
N GLU B 373 44.45 0.04 -7.14
CA GLU B 373 43.44 0.17 -8.19
C GLU B 373 43.26 1.63 -8.61
N TYR B 374 43.41 2.54 -7.66
CA TYR B 374 43.21 3.96 -7.93
C TYR B 374 44.50 4.76 -7.84
N THR B 375 45.44 4.45 -8.73
CA THR B 375 46.70 5.17 -8.84
C THR B 375 47.19 5.15 -10.29
N ASP B 376 47.59 6.31 -10.78
CA ASP B 376 48.15 6.42 -12.12
C ASP B 376 49.58 5.89 -12.11
N TRP B 377 49.77 4.66 -12.57
CA TRP B 377 51.08 4.02 -12.53
C TRP B 377 52.05 4.57 -13.57
N THR B 378 51.54 5.40 -14.47
CA THR B 378 52.36 6.22 -15.35
C THR B 378 53.23 7.16 -14.51
N GLU B 379 52.58 7.89 -13.60
CA GLU B 379 53.22 8.88 -12.77
C GLU B 379 52.52 8.87 -11.41
N PRO B 380 52.91 7.92 -10.51
CA PRO B 380 52.20 7.63 -9.27
C PRO B 380 52.05 8.80 -8.29
N ASP B 381 53.06 9.67 -8.26
CA ASP B 381 53.09 10.78 -7.30
C ASP B 381 52.48 12.09 -7.82
N ASN B 382 51.91 12.04 -9.03
CA ASN B 382 51.25 13.20 -9.63
C ASN B 382 50.12 13.73 -8.75
N PRO B 383 50.21 15.01 -8.34
CA PRO B 383 49.22 15.66 -7.48
C PRO B 383 47.83 15.75 -8.10
N ASN B 384 47.77 15.89 -9.43
CA ASN B 384 46.50 15.87 -10.16
C ASN B 384 45.87 14.47 -10.18
N SER B 385 46.69 13.47 -10.51
CA SER B 385 46.25 12.07 -10.52
C SER B 385 45.72 11.63 -9.16
N ASN B 386 46.41 12.05 -8.09
CA ASN B 386 46.01 11.69 -6.73
C ASN B 386 44.73 12.37 -6.24
N ARG B 387 44.42 13.53 -6.80
CA ARG B 387 43.15 14.21 -6.51
C ARG B 387 42.02 13.53 -7.28
N ASP B 388 42.25 13.29 -8.57
CA ASP B 388 41.26 12.66 -9.43
C ASP B 388 40.99 11.22 -9.01
N ALA B 389 42.01 10.57 -8.46
CA ALA B 389 41.88 9.23 -7.92
C ALA B 389 40.88 9.19 -6.77
N LEU B 390 40.83 10.29 -6.01
CA LEU B 390 39.88 10.42 -4.91
C LEU B 390 38.44 10.52 -5.41
N ASP B 391 38.22 11.30 -6.47
CA ASP B 391 36.92 11.41 -7.10
C ASP B 391 36.46 10.05 -7.60
N LYS B 392 37.33 9.37 -8.35
CA LYS B 392 36.99 8.11 -8.99
C LYS B 392 36.67 7.00 -8.01
N MET B 393 37.42 6.91 -6.91
CA MET B 393 37.20 5.84 -5.95
C MET B 393 35.93 6.02 -5.12
N VAL B 394 35.47 7.27 -4.99
CA VAL B 394 34.19 7.55 -4.36
C VAL B 394 33.08 7.43 -5.41
N GLY B 395 33.29 8.06 -6.56
CA GLY B 395 32.33 8.09 -7.65
C GLY B 395 31.97 6.73 -8.21
N ASP B 396 32.95 5.83 -8.25
CA ASP B 396 32.71 4.47 -8.74
C ASP B 396 31.95 3.63 -7.72
N TYR B 397 32.43 3.63 -6.48
CA TYR B 397 31.83 2.80 -5.43
C TYR B 397 30.40 3.21 -5.06
N HIS B 398 30.16 4.51 -4.98
CA HIS B 398 28.85 5.02 -4.55
C HIS B 398 27.89 5.34 -5.69
N PHE B 399 28.39 5.42 -6.93
CA PHE B 399 27.54 5.86 -8.04
C PHE B 399 27.67 5.07 -9.36
N THR B 400 28.72 5.34 -10.12
CA THR B 400 28.89 4.79 -11.48
C THR B 400 28.67 3.27 -11.57
N CYS B 401 29.23 2.53 -10.61
CA CYS B 401 29.22 1.08 -10.66
C CYS B 401 27.89 0.45 -10.30
N ASN B 402 27.11 1.17 -9.51
CA ASN B 402 25.77 0.72 -9.12
C ASN B 402 24.77 0.94 -10.25
N VAL B 403 24.93 2.06 -10.95
CA VAL B 403 24.18 2.33 -12.17
C VAL B 403 24.49 1.24 -13.20
N ASN B 404 25.77 0.92 -13.33
CA ASN B 404 26.23 -0.14 -14.24
C ASN B 404 25.62 -1.51 -13.95
N GLU B 405 25.56 -1.87 -12.67
CA GLU B 405 25.01 -3.15 -12.25
C GLU B 405 23.52 -3.24 -12.60
N PHE B 406 22.77 -2.21 -12.20
CA PHE B 406 21.33 -2.15 -12.43
C PHE B 406 20.98 -2.25 -13.91
N ALA B 407 21.67 -1.46 -14.74
CA ALA B 407 21.43 -1.44 -16.19
C ALA B 407 21.75 -2.78 -16.83
N GLN B 408 22.77 -3.45 -16.31
CA GLN B 408 23.21 -4.74 -16.85
C GLN B 408 22.23 -5.85 -16.49
N ARG B 409 21.73 -5.85 -15.25
CA ARG B 409 20.72 -6.83 -14.81
C ARG B 409 19.42 -6.68 -15.59
N TYR B 410 19.09 -5.46 -16.00
CA TYR B 410 17.95 -5.20 -16.87
C TYR B 410 18.21 -5.66 -18.29
N ALA B 411 19.45 -5.52 -18.74
CA ALA B 411 19.85 -5.93 -20.09
C ALA B 411 19.79 -7.45 -20.25
N GLU B 412 20.31 -8.18 -19.27
CA GLU B 412 20.31 -9.64 -19.30
C GLU B 412 19.02 -10.27 -18.80
N GLU B 413 18.04 -9.42 -18.49
CA GLU B 413 16.68 -9.88 -18.26
C GLU B 413 15.87 -9.66 -19.53
N GLY B 414 16.55 -9.20 -20.59
CA GLY B 414 15.97 -9.04 -21.91
C GLY B 414 15.16 -7.77 -22.09
N ASN B 415 15.70 -6.65 -21.59
CA ASN B 415 15.07 -5.35 -21.74
C ASN B 415 15.97 -4.39 -22.51
N ASN B 416 15.35 -3.45 -23.24
CA ASN B 416 16.09 -2.40 -23.93
C ASN B 416 16.62 -1.36 -22.96
N VAL B 417 17.95 -1.25 -22.87
CA VAL B 417 18.60 -0.32 -21.97
C VAL B 417 19.42 0.68 -22.76
N TYR B 418 19.41 1.94 -22.33
CA TYR B 418 20.23 2.98 -22.97
C TYR B 418 21.10 3.68 -21.93
N MET B 419 22.40 3.44 -22.02
CA MET B 419 23.37 3.97 -21.07
C MET B 419 24.06 5.22 -21.62
N TYR B 420 24.26 6.21 -20.76
CA TYR B 420 24.98 7.42 -21.12
C TYR B 420 26.16 7.70 -20.18
N LEU B 421 27.08 8.54 -20.65
CA LEU B 421 28.10 9.12 -19.80
C LEU B 421 28.17 10.63 -20.09
N TYR B 422 27.61 11.42 -19.18
CA TYR B 422 27.57 12.87 -19.33
C TYR B 422 28.95 13.46 -19.03
N THR B 423 29.48 14.19 -20.00
CA THR B 423 30.87 14.68 -19.94
C THR B 423 31.00 16.20 -20.16
N HIS B 424 29.90 16.92 -20.04
CA HIS B 424 29.88 18.35 -20.37
C HIS B 424 30.03 19.28 -19.15
N ARG B 425 31.01 20.18 -19.23
CA ARG B 425 31.12 21.30 -18.29
C ARG B 425 30.44 22.52 -18.89
N SER B 426 29.54 23.14 -18.14
CA SER B 426 28.96 24.42 -18.55
C SER B 426 30.04 25.48 -18.49
N LYS B 427 30.02 26.41 -19.43
CA LYS B 427 31.02 27.47 -19.49
C LYS B 427 30.93 28.37 -18.24
N GLY B 428 29.73 28.47 -17.68
CA GLY B 428 29.50 29.30 -16.49
C GLY B 428 29.35 28.51 -15.20
N ASN B 429 30.12 27.43 -15.06
CA ASN B 429 30.11 26.63 -13.84
C ASN B 429 30.73 27.40 -12.66
N PRO B 430 29.97 27.52 -11.55
CA PRO B 430 30.43 28.30 -10.40
C PRO B 430 31.56 27.64 -9.59
N TRP B 431 31.68 26.33 -9.70
CA TRP B 431 32.69 25.57 -8.96
C TRP B 431 34.06 25.70 -9.62
N PRO B 432 35.15 25.34 -8.88
CA PRO B 432 36.49 25.33 -9.47
C PRO B 432 36.61 24.43 -10.71
N ARG B 433 37.65 24.65 -11.50
CA ARG B 433 37.84 23.90 -12.75
C ARG B 433 38.14 22.43 -12.52
N TRP B 434 38.88 22.13 -11.46
CA TRP B 434 39.33 20.76 -11.15
C TRP B 434 38.18 19.81 -10.80
N THR B 435 37.04 20.36 -10.41
CA THR B 435 35.85 19.56 -10.09
C THR B 435 35.31 18.87 -11.33
N GLY B 436 35.43 19.53 -12.48
CA GLY B 436 34.96 18.99 -13.76
C GLY B 436 33.46 18.78 -13.75
N VAL B 437 33.01 17.73 -14.42
CA VAL B 437 31.58 17.43 -14.51
C VAL B 437 31.10 16.68 -13.27
N MET B 438 30.52 17.43 -12.34
CA MET B 438 30.11 16.89 -11.05
C MET B 438 28.71 16.26 -11.03
N HIS B 439 28.38 15.68 -9.88
CA HIS B 439 27.08 15.10 -9.59
C HIS B 439 25.97 16.12 -9.81
N GLY B 440 25.00 15.78 -10.65
CA GLY B 440 23.83 16.63 -10.88
C GLY B 440 24.01 17.77 -11.87
N ASP B 441 25.10 17.72 -12.65
CA ASP B 441 25.35 18.74 -13.67
C ASP B 441 24.40 18.63 -14.86
N GLU B 442 23.95 17.40 -15.13
CA GLU B 442 23.06 17.10 -16.25
C GLU B 442 21.68 17.74 -16.11
N ILE B 443 21.24 17.91 -14.86
CA ILE B 443 19.90 18.40 -14.55
C ILE B 443 19.54 19.68 -15.30
N ASN B 444 20.42 20.68 -15.22
CA ASN B 444 20.23 21.95 -15.93
C ASN B 444 19.89 21.74 -17.40
N TYR B 445 20.54 20.76 -18.01
CA TYR B 445 20.37 20.51 -19.44
C TYR B 445 19.13 19.68 -19.78
N VAL B 446 18.80 18.70 -18.93
CA VAL B 446 17.59 17.89 -19.16
C VAL B 446 16.32 18.71 -18.98
N PHE B 447 16.39 19.73 -18.13
CA PHE B 447 15.24 20.61 -17.88
C PHE B 447 15.22 21.87 -18.75
N GLY B 448 16.17 21.97 -19.68
CA GLY B 448 16.21 23.05 -20.67
C GLY B 448 16.50 24.43 -20.13
N GLU B 449 17.36 24.50 -19.12
CA GLU B 449 17.76 25.78 -18.52
C GLU B 449 18.57 26.67 -19.48
N PRO B 450 19.43 26.06 -20.34
CA PRO B 450 20.18 26.88 -21.31
C PRO B 450 19.30 27.73 -22.23
N LEU B 451 18.08 27.25 -22.51
CA LEU B 451 17.14 27.95 -23.38
C LEU B 451 16.62 29.27 -22.78
N ASN B 452 16.84 29.44 -21.48
CA ASN B 452 16.51 30.68 -20.78
C ASN B 452 17.40 31.83 -21.26
N PRO B 453 16.79 32.84 -21.93
CA PRO B 453 17.54 33.94 -22.55
C PRO B 453 18.18 34.89 -21.56
N THR B 454 17.76 34.83 -20.29
CA THR B 454 18.34 35.69 -19.25
C THR B 454 19.65 35.12 -18.70
N LEU B 455 19.93 33.87 -19.00
CA LEU B 455 21.13 33.20 -18.51
C LEU B 455 22.21 33.08 -19.60
N GLY B 456 23.47 33.05 -19.17
CA GLY B 456 24.61 33.17 -20.08
C GLY B 456 25.13 31.88 -20.72
N TYR B 457 24.23 30.96 -21.06
CA TYR B 457 24.60 29.73 -21.77
C TYR B 457 24.94 30.01 -23.23
N THR B 458 25.97 29.34 -23.74
CA THR B 458 26.38 29.50 -25.15
C THR B 458 25.40 28.82 -26.09
N GLU B 459 25.46 29.19 -27.37
CA GLU B 459 24.51 28.69 -28.37
C GLU B 459 24.65 27.18 -28.61
N ASP B 460 25.88 26.67 -28.46
CA ASP B 460 26.14 25.23 -28.58
C ASP B 460 25.51 24.47 -27.43
N GLU B 461 25.60 25.05 -26.23
CA GLU B 461 25.01 24.46 -25.04
C GLU B 461 23.49 24.43 -25.13
N LYS B 462 22.94 25.46 -25.78
CA LYS B 462 21.50 25.53 -26.05
C LYS B 462 21.05 24.40 -26.98
N ASP B 463 21.86 24.11 -27.99
CA ASP B 463 21.63 22.97 -28.88
C ASP B 463 21.75 21.66 -28.11
N PHE B 464 22.84 21.54 -27.35
CA PHE B 464 23.13 20.36 -26.54
C PHE B 464 22.02 20.08 -25.53
N SER B 465 21.39 21.14 -25.03
CA SER B 465 20.25 21.00 -24.13
C SER B 465 19.07 20.39 -24.87
N ARG B 466 18.68 20.98 -26.00
CA ARG B 466 17.58 20.47 -26.82
C ARG B 466 17.81 19.04 -27.27
N LYS B 467 19.08 18.72 -27.53
CA LYS B 467 19.49 17.37 -27.95
C LYS B 467 19.19 16.34 -26.87
N ILE B 468 19.64 16.59 -25.65
CA ILE B 468 19.42 15.63 -24.56
C ILE B 468 18.00 15.70 -24.03
N MET B 469 17.34 16.84 -24.24
CA MET B 469 15.92 16.97 -23.96
C MET B 469 15.12 16.10 -24.92
N ARG B 470 15.58 16.03 -26.16
CA ARG B 470 14.95 15.19 -27.17
C ARG B 470 15.12 13.71 -26.85
N TYR B 471 16.36 13.28 -26.62
CA TYR B 471 16.68 11.91 -26.22
C TYR B 471 15.77 11.44 -25.09
N TRP B 472 15.71 12.25 -24.04
CA TRP B 472 14.89 11.99 -22.85
C TRP B 472 13.41 11.89 -23.17
N SER B 473 12.90 12.88 -23.91
CA SER B 473 11.47 13.00 -24.19
C SER B 473 10.93 11.87 -25.04
N ASN B 474 11.53 11.66 -26.22
CA ASN B 474 11.04 10.61 -27.11
C ASN B 474 11.40 9.19 -26.69
N PHE B 475 12.20 9.07 -25.62
CA PHE B 475 12.32 7.81 -24.90
C PHE B 475 11.05 7.61 -24.10
N ALA B 476 10.59 8.67 -23.45
CA ALA B 476 9.35 8.65 -22.68
C ALA B 476 8.13 8.49 -23.58
N LYS B 477 8.30 8.85 -24.85
CA LYS B 477 7.27 8.66 -25.87
C LYS B 477 7.32 7.24 -26.44
N THR B 478 8.44 6.94 -27.12
CA THR B 478 8.54 5.71 -27.92
C THR B 478 9.11 4.51 -27.14
N GLY B 479 10.10 4.76 -26.30
CA GLY B 479 10.84 3.68 -25.63
C GLY B 479 12.26 3.61 -26.13
N ASN B 480 12.62 4.58 -26.96
CA ASN B 480 13.91 4.65 -27.61
C ASN B 480 14.28 6.13 -27.87
N PRO B 481 15.47 6.56 -27.40
CA PRO B 481 15.91 7.95 -27.52
C PRO B 481 16.23 8.41 -28.95
N ASN B 482 16.50 7.48 -29.85
CA ASN B 482 16.87 7.81 -31.23
C ASN B 482 15.69 8.34 -32.03
N PRO B 483 15.94 9.35 -32.90
CA PRO B 483 14.91 9.82 -33.83
C PRO B 483 14.49 8.73 -34.82
N ASN B 484 13.21 8.73 -35.19
CA ASN B 484 12.67 7.74 -36.14
C ASN B 484 13.26 7.90 -37.56
N THR B 485 13.63 9.13 -37.89
CA THR B 485 14.22 9.44 -39.20
C THR B 485 15.72 9.16 -39.25
N ALA B 486 16.32 8.92 -38.08
CA ALA B 486 17.76 8.69 -37.92
C ALA B 486 18.60 9.84 -38.47
N SER B 487 18.54 10.98 -37.78
CA SER B 487 19.23 12.22 -38.20
C SER B 487 20.73 12.19 -37.94
N SER B 488 21.43 13.20 -38.46
CA SER B 488 22.89 13.31 -38.30
C SER B 488 23.30 14.31 -37.21
N GLU B 489 22.41 15.25 -36.89
CA GLU B 489 22.64 16.16 -35.76
C GLU B 489 22.32 15.50 -34.42
N PHE B 490 21.47 14.48 -34.47
CA PHE B 490 21.13 13.66 -33.30
C PHE B 490 21.71 12.26 -33.53
N PRO B 491 22.98 12.04 -33.13
CA PRO B 491 23.67 10.77 -33.38
C PRO B 491 22.96 9.55 -32.79
N GLU B 492 23.30 8.37 -33.30
CA GLU B 492 22.69 7.13 -32.83
C GLU B 492 23.15 6.77 -31.43
N TRP B 493 22.20 6.38 -30.61
CA TRP B 493 22.43 5.92 -29.26
C TRP B 493 22.19 4.41 -29.22
N PRO B 494 23.27 3.61 -29.35
CA PRO B 494 23.16 2.16 -29.35
C PRO B 494 22.63 1.62 -28.04
N LYS B 495 21.97 0.47 -28.12
CA LYS B 495 21.36 -0.16 -26.96
C LYS B 495 22.40 -0.82 -26.07
N HIS B 496 22.21 -0.69 -24.75
CA HIS B 496 23.11 -1.27 -23.77
C HIS B 496 22.77 -2.76 -23.58
N THR B 497 23.48 -3.60 -24.33
CA THR B 497 23.25 -5.05 -24.30
C THR B 497 24.04 -5.69 -23.17
N ALA B 498 23.50 -6.79 -22.63
CA ALA B 498 24.16 -7.54 -21.55
C ALA B 498 25.54 -8.04 -21.96
N HIS B 499 25.80 -8.04 -23.26
CA HIS B 499 27.06 -8.53 -23.80
C HIS B 499 27.97 -7.38 -24.24
N GLY B 500 27.42 -6.47 -25.04
CA GLY B 500 28.16 -5.32 -25.55
C GLY B 500 28.42 -4.25 -24.51
N ARG B 501 27.37 -3.94 -23.73
CA ARG B 501 27.42 -2.94 -22.66
C ARG B 501 27.79 -1.54 -23.16
N HIS B 502 27.27 -1.17 -24.32
CA HIS B 502 27.61 0.11 -24.93
C HIS B 502 26.92 1.30 -24.28
N TYR B 503 27.67 2.39 -24.12
CA TYR B 503 27.12 3.66 -23.64
C TYR B 503 27.37 4.77 -24.66
N LEU B 504 26.48 5.76 -24.68
CA LEU B 504 26.69 6.95 -25.50
C LEU B 504 27.28 8.07 -24.64
N GLU B 505 28.38 8.65 -25.11
CA GLU B 505 28.95 9.82 -24.46
C GLU B 505 28.12 11.06 -24.82
N LEU B 506 27.54 11.69 -23.81
CA LEU B 506 26.80 12.93 -24.00
C LEU B 506 27.71 14.12 -23.75
N GLY B 507 28.18 14.72 -24.83
CA GLY B 507 29.08 15.89 -24.79
C GLY B 507 28.84 16.81 -25.96
N LEU B 508 29.63 17.88 -26.04
CA LEU B 508 29.42 18.91 -27.07
C LEU B 508 29.82 18.49 -28.49
N ASN B 509 31.06 18.10 -28.69
CA ASN B 509 31.48 17.79 -30.04
C ASN B 509 31.68 16.32 -30.26
N THR B 510 31.06 15.51 -29.43
CA THR B 510 31.22 14.06 -29.54
C THR B 510 29.93 13.27 -29.75
N SER B 511 30.06 12.19 -30.54
CA SER B 511 29.01 11.21 -30.75
C SER B 511 29.51 9.84 -30.29
N PHE B 512 30.66 9.84 -29.63
CA PHE B 512 31.40 8.64 -29.24
C PHE B 512 30.57 7.60 -28.47
N VAL B 513 30.82 6.34 -28.80
CA VAL B 513 30.18 5.22 -28.12
C VAL B 513 31.26 4.33 -27.49
N GLY B 514 31.19 4.18 -26.18
CA GLY B 514 32.12 3.32 -25.45
C GLY B 514 31.43 2.13 -24.83
N ARG B 515 32.14 1.43 -23.95
CA ARG B 515 31.60 0.28 -23.24
C ARG B 515 31.71 0.48 -21.74
N GLY B 516 30.64 0.18 -21.03
CA GLY B 516 30.63 0.28 -19.57
C GLY B 516 29.67 1.33 -19.04
N PRO B 517 30.21 2.48 -18.58
CA PRO B 517 31.64 2.83 -18.55
C PRO B 517 32.39 2.27 -17.34
N ARG B 518 33.71 2.22 -17.45
CA ARG B 518 34.61 1.92 -16.32
C ARG B 518 34.40 0.54 -15.70
N LEU B 519 34.29 -0.49 -16.55
CA LEU B 519 33.99 -1.85 -16.10
C LEU B 519 35.10 -2.45 -15.24
N ARG B 520 36.35 -2.11 -15.56
CA ARG B 520 37.50 -2.62 -14.81
C ARG B 520 37.44 -2.25 -13.34
N GLN B 521 37.11 -0.99 -13.05
CA GLN B 521 36.99 -0.51 -11.68
C GLN B 521 35.70 -1.00 -11.02
N CYS B 522 34.66 -1.14 -11.82
CA CYS B 522 33.38 -1.62 -11.31
C CYS B 522 33.45 -3.07 -10.91
N ALA B 523 34.24 -3.84 -11.65
CA ALA B 523 34.53 -5.22 -11.30
C ALA B 523 35.41 -5.31 -10.06
N PHE B 524 36.27 -4.31 -9.87
CA PHE B 524 37.10 -4.22 -8.67
C PHE B 524 36.23 -4.22 -7.42
N TRP B 525 35.22 -3.35 -7.42
CA TRP B 525 34.32 -3.20 -6.28
C TRP B 525 33.31 -4.34 -6.16
N LYS B 526 32.75 -4.76 -7.29
CA LYS B 526 31.65 -5.72 -7.28
C LYS B 526 32.11 -7.18 -7.26
N LYS B 527 33.30 -7.45 -7.80
CA LYS B 527 33.80 -8.82 -7.89
C LYS B 527 35.02 -9.08 -7.00
N TYR B 528 36.09 -8.32 -7.21
CA TYR B 528 37.36 -8.60 -6.54
C TYR B 528 37.40 -8.25 -5.05
N LEU B 529 37.03 -7.02 -4.71
CA LEU B 529 37.20 -6.53 -3.33
C LEU B 529 36.40 -7.31 -2.26
N PRO B 530 35.13 -7.68 -2.55
CA PRO B 530 34.40 -8.47 -1.55
C PRO B 530 35.01 -9.84 -1.27
N GLN B 531 35.56 -10.49 -2.31
CA GLN B 531 36.19 -11.80 -2.13
C GLN B 531 37.57 -11.70 -1.48
N LEU B 532 38.19 -10.52 -1.57
CA LEU B 532 39.44 -10.24 -0.85
C LEU B 532 39.13 -10.07 0.64
N VAL B 533 38.13 -9.24 0.93
CA VAL B 533 37.67 -9.01 2.30
C VAL B 533 37.26 -10.32 2.97
N ALA B 534 36.63 -11.20 2.19
CA ALA B 534 36.25 -12.54 2.64
C ALA B 534 37.47 -13.39 3.01
N ALA B 535 38.52 -13.31 2.20
CA ALA B 535 39.74 -14.09 2.42
C ALA B 535 40.58 -13.58 3.59
N THR B 536 40.65 -12.26 3.74
CA THR B 536 41.51 -11.63 4.76
C THR B 536 40.86 -11.48 6.14
N SER B 537 39.54 -11.64 6.19
CA SER B 537 38.81 -11.58 7.46
C SER B 537 39.07 -12.82 8.31
N ASN B 538 38.91 -12.67 9.62
CA ASN B 538 39.14 -13.77 10.56
C ASN B 538 38.14 -13.76 11.71
#